data_6AVP
#
_entry.id   6AVP
#
_cell.length_a   72.571
_cell.length_b   56.705
_cell.length_c   133.075
_cell.angle_alpha   90.000
_cell.angle_beta   99.240
_cell.angle_gamma   90.000
#
_symmetry.space_group_name_H-M   'P 1 21 1'
#
loop_
_entity.id
_entity.type
_entity.pdbx_description
1 polymer 'Type II pantothenate kinase'
2 non-polymer "ADENOSINE-5'-DIPHOSPHATE"
3 non-polymer N~3~-[(2R)-2-hydroxy-3,3-dimethyl-4-(phosphonooxy)butanoyl]-N-(5-methoxypentyl)-beta-alaninamide
4 non-polymer 'MAGNESIUM ION'
5 water water
#
_entity_poly.entity_id   1
_entity_poly.type   'polypeptide(L)'
_entity_poly.pdbx_seq_one_letter_code
;MKVGIDAGGTLIKIVQEQDNQRTFKTELTKNIDQVVEWLNQQQIEKLCLTGGNAGVIAENINIPAQIFVEFDAASQGLGI
LLKEQGHDLADYIFANVGTGTSLHYFDGQSQRRVGGIGTGGGMIQGLGYLLSQITDYKQLTDMAQHGDRNTIDLKVRHIY
KDTEPPIPGDLTAANFGHVLHHLDADFTPSNKLAAVIGVVGEVVTTMAITVAREFKTENIVYIGSSFHNNALLRKVVEDY
TVLRGCKPYYVENGAFSGAIGALYL
;
_entity_poly.pdbx_strand_id   A,B,C,D
#
loop_
_chem_comp.id
_chem_comp.type
_chem_comp.name
_chem_comp.formula
ADP non-polymer ADENOSINE-5'-DIPHOSPHATE 'C10 H15 N5 O10 P2'
MG non-polymer 'MAGNESIUM ION' 'Mg 2'
N7E non-polymer N~3~-[(2R)-2-hydroxy-3,3-dimethyl-4-(phosphonooxy)butanoyl]-N-(5-methoxypentyl)-beta-alaninamide 'C15 H31 N2 O8 P'
#
# COMPACT_ATOMS: atom_id res chain seq x y z
N MET A 1 -3.15 -31.06 -7.07
CA MET A 1 -2.60 -29.67 -6.82
C MET A 1 -1.33 -29.66 -5.97
N LYS A 2 -0.66 -28.51 -6.01
CA LYS A 2 0.51 -28.23 -5.16
C LYS A 2 0.05 -27.49 -3.92
N VAL A 3 0.52 -27.89 -2.74
CA VAL A 3 0.13 -27.19 -1.50
C VAL A 3 1.32 -26.90 -0.57
N GLY A 4 1.38 -25.65 -0.10
CA GLY A 4 2.42 -25.18 0.81
C GLY A 4 1.79 -24.81 2.12
N ILE A 5 2.41 -25.14 3.23
CA ILE A 5 1.83 -24.91 4.54
C ILE A 5 2.89 -24.41 5.49
N ASP A 6 2.58 -23.29 6.17
CA ASP A 6 3.38 -22.73 7.26
C ASP A 6 2.57 -22.94 8.53
N ALA A 7 2.97 -23.91 9.35
CA ALA A 7 2.21 -24.27 10.55
C ALA A 7 2.87 -23.59 11.74
N GLY A 8 2.37 -22.41 12.07
CA GLY A 8 2.96 -21.57 13.10
C GLY A 8 2.44 -21.87 14.47
N GLY A 9 2.82 -20.98 15.40
CA GLY A 9 2.48 -21.11 16.80
C GLY A 9 1.02 -20.91 17.09
N THR A 10 0.37 -20.08 16.27
CA THR A 10 -1.04 -19.72 16.44
C THR A 10 -1.90 -20.09 15.23
N LEU A 11 -1.44 -19.76 14.03
CA LEU A 11 -2.18 -20.04 12.79
C LEU A 11 -1.42 -21.00 11.84
N ILE A 12 -2.21 -21.81 11.15
CA ILE A 12 -1.72 -22.63 10.05
C ILE A 12 -2.13 -21.92 8.77
N LYS A 13 -1.17 -21.64 7.90
CA LYS A 13 -1.45 -20.99 6.61
C LYS A 13 -1.23 -21.98 5.51
N ILE A 14 -2.21 -22.09 4.64
CA ILE A 14 -2.15 -23.06 3.59
C ILE A 14 -2.32 -22.29 2.31
N VAL A 15 -1.57 -22.66 1.29
CA VAL A 15 -1.82 -22.15 -0.04
C VAL A 15 -1.88 -23.36 -0.93
N GLN A 16 -2.92 -23.43 -1.75
CA GLN A 16 -2.99 -24.42 -2.82
C GLN A 16 -2.75 -23.67 -4.12
N GLU A 17 -1.95 -24.27 -5.00
CA GLU A 17 -1.76 -23.77 -6.34
C GLU A 17 -2.34 -24.80 -7.31
N GLN A 18 -3.22 -24.33 -8.21
CA GLN A 18 -3.89 -25.17 -9.21
C GLN A 18 -3.18 -25.12 -10.57
N ASP A 19 -3.25 -23.98 -11.23
CA ASP A 19 -2.39 -23.70 -12.37
C ASP A 19 -1.80 -22.32 -12.07
N ASN A 20 -2.60 -21.27 -12.24
CA ASN A 20 -2.26 -19.94 -11.80
C ASN A 20 -3.39 -19.35 -10.93
N GLN A 21 -4.18 -20.20 -10.29
CA GLN A 21 -5.22 -19.78 -9.34
C GLN A 21 -4.81 -20.25 -7.96
N ARG A 22 -4.23 -19.32 -7.21
CA ARG A 22 -3.89 -19.54 -5.80
C ARG A 22 -5.15 -19.59 -4.91
N THR A 23 -5.02 -20.30 -3.80
CA THR A 23 -6.04 -20.33 -2.76
C THR A 23 -5.31 -20.09 -1.45
N PHE A 24 -5.79 -19.14 -0.65
CA PHE A 24 -5.18 -18.79 0.63
C PHE A 24 -6.09 -19.17 1.78
N LYS A 25 -5.65 -20.08 2.63
CA LYS A 25 -6.51 -20.61 3.68
C LYS A 25 -5.82 -20.50 5.03
N THR A 26 -6.55 -19.95 6.01
CA THR A 26 -6.10 -19.82 7.40
C THR A 26 -6.91 -20.73 8.30
N GLU A 27 -6.22 -21.45 9.17
CA GLU A 27 -6.86 -22.26 10.19
C GLU A 27 -6.09 -22.07 11.47
N LEU A 28 -6.77 -22.35 12.58
CA LEU A 28 -6.11 -22.35 13.86
C LEU A 28 -5.14 -23.55 14.03
N THR A 29 -4.04 -23.29 14.72
CA THR A 29 -3.06 -24.31 15.08
C THR A 29 -3.63 -25.34 16.07
N LYS A 30 -4.55 -24.90 16.90
CA LYS A 30 -5.21 -25.79 17.83
C LYS A 30 -6.13 -26.80 17.09
N ASN A 31 -6.62 -26.42 15.91
CA ASN A 31 -7.36 -27.34 15.03
C ASN A 31 -6.47 -27.97 13.96
N ILE A 32 -5.20 -28.19 14.30
CA ILE A 32 -4.25 -28.89 13.41
C ILE A 32 -4.72 -30.29 13.02
N ASP A 33 -5.42 -30.97 13.93
CA ASP A 33 -6.06 -32.27 13.64
C ASP A 33 -6.92 -32.22 12.38
N GLN A 34 -7.76 -31.19 12.31
CA GLN A 34 -8.66 -30.97 11.16
C GLN A 34 -7.97 -30.58 9.85
N VAL A 35 -6.71 -30.14 9.92
CA VAL A 35 -5.90 -29.88 8.73
C VAL A 35 -5.37 -31.19 8.17
N VAL A 36 -4.94 -32.08 9.07
CA VAL A 36 -4.48 -33.44 8.70
C VAL A 36 -5.57 -34.26 8.02
N GLU A 37 -6.74 -34.36 8.66
CA GLU A 37 -7.86 -35.12 8.08
C GLU A 37 -8.23 -34.60 6.70
N TRP A 38 -8.24 -33.27 6.54
CA TRP A 38 -8.50 -32.60 5.26
C TRP A 38 -7.42 -32.94 4.25
N LEU A 39 -6.15 -32.81 4.64
CA LEU A 39 -5.00 -33.09 3.75
C LEU A 39 -5.02 -34.50 3.20
N ASN A 40 -5.42 -35.46 4.03
CA ASN A 40 -5.43 -36.85 3.66
C ASN A 40 -6.50 -37.21 2.62
N GLN A 41 -7.51 -36.36 2.47
CA GLN A 41 -8.53 -36.55 1.43
C GLN A 41 -8.33 -35.70 0.16
N GLN A 42 -7.16 -35.07 -0.01
CA GLN A 42 -6.85 -34.32 -1.23
C GLN A 42 -5.88 -35.11 -2.10
N GLN A 43 -5.93 -34.85 -3.41
CA GLN A 43 -4.94 -35.37 -4.33
C GLN A 43 -3.90 -34.28 -4.52
N ILE A 44 -2.69 -34.57 -4.03
CA ILE A 44 -1.63 -33.59 -3.89
C ILE A 44 -0.39 -34.01 -4.70
N GLU A 45 -0.16 -33.31 -5.81
CA GLU A 45 1.02 -33.53 -6.65
C GLU A 45 2.31 -33.24 -5.89
N LYS A 46 2.28 -32.24 -5.01
CA LYS A 46 3.44 -31.86 -4.22
C LYS A 46 3.01 -31.16 -2.96
N LEU A 47 3.65 -31.53 -1.86
CA LEU A 47 3.38 -30.97 -0.54
C LEU A 47 4.69 -30.42 0.01
N CYS A 48 4.62 -29.24 0.63
CA CYS A 48 5.79 -28.62 1.25
C CYS A 48 5.39 -28.00 2.58
N LEU A 49 6.25 -28.13 3.58
CA LEU A 49 5.92 -27.74 4.95
C LEU A 49 6.97 -26.83 5.54
N THR A 50 6.53 -25.97 6.45
CA THR A 50 7.44 -25.15 7.25
C THR A 50 6.73 -24.70 8.51
N GLY A 51 7.49 -24.10 9.42
CA GLY A 51 6.95 -23.61 10.69
C GLY A 51 7.15 -24.61 11.81
N GLY A 52 6.89 -24.14 13.03
CA GLY A 52 7.08 -24.93 14.24
C GLY A 52 6.30 -26.23 14.33
N ASN A 53 5.08 -26.25 13.79
CA ASN A 53 4.22 -27.44 13.84
C ASN A 53 4.26 -28.30 12.58
N ALA A 54 5.25 -28.08 11.72
CA ALA A 54 5.39 -28.86 10.49
C ALA A 54 5.53 -30.37 10.75
N GLY A 55 6.21 -30.73 11.83
CA GLY A 55 6.49 -32.13 12.14
C GLY A 55 5.28 -32.90 12.58
N VAL A 56 4.40 -32.21 13.32
CA VAL A 56 3.10 -32.75 13.74
C VAL A 56 2.27 -33.16 12.54
N ILE A 57 2.33 -32.35 11.50
CA ILE A 57 1.62 -32.63 10.26
C ILE A 57 2.31 -33.78 9.52
N ALA A 58 3.62 -33.68 9.30
CA ALA A 58 4.36 -34.67 8.52
C ALA A 58 4.15 -36.10 9.03
N GLU A 59 4.15 -36.23 10.35
CA GLU A 59 4.03 -37.54 11.01
C GLU A 59 2.65 -38.14 10.89
N ASN A 60 1.62 -37.28 10.85
CA ASN A 60 0.21 -37.71 10.77
C ASN A 60 -0.38 -37.79 9.34
N ILE A 61 0.49 -37.76 8.33
CA ILE A 61 0.09 -37.73 6.92
C ILE A 61 0.63 -38.98 6.23
N ASN A 62 -0.12 -39.46 5.24
CA ASN A 62 0.22 -40.70 4.54
C ASN A 62 0.80 -40.43 3.15
N ILE A 63 1.62 -39.40 3.08
CA ILE A 63 2.10 -38.77 1.85
C ILE A 63 3.45 -38.13 2.19
N PRO A 64 4.48 -38.34 1.36
CA PRO A 64 5.75 -37.65 1.66
C PRO A 64 5.65 -36.12 1.54
N ALA A 65 6.54 -35.41 2.24
CA ALA A 65 6.56 -33.95 2.22
C ALA A 65 7.92 -33.36 2.58
N GLN A 66 8.34 -32.36 1.80
CA GLN A 66 9.57 -31.63 2.10
C GLN A 66 9.31 -30.66 3.23
N ILE A 67 10.33 -30.46 4.06
CA ILE A 67 10.25 -29.56 5.20
C ILE A 67 11.40 -28.54 5.10
N PHE A 68 11.04 -27.26 5.13
CA PHE A 68 12.01 -26.16 5.01
C PHE A 68 12.03 -25.33 6.29
N VAL A 69 13.14 -24.62 6.50
CA VAL A 69 13.31 -23.71 7.63
C VAL A 69 12.48 -22.46 7.31
N GLU A 70 11.61 -22.05 8.24
CA GLU A 70 10.65 -20.95 8.01
C GLU A 70 11.26 -19.59 7.66
N PHE A 71 12.49 -19.36 8.07
CA PHE A 71 13.21 -18.12 7.72
C PHE A 71 13.51 -18.09 6.23
N ASP A 72 14.04 -19.18 5.72
CA ASP A 72 14.30 -19.30 4.29
C ASP A 72 13.00 -19.21 3.46
N ALA A 73 11.95 -19.89 3.93
CA ALA A 73 10.67 -19.92 3.22
C ALA A 73 10.02 -18.55 3.19
N ALA A 74 9.94 -17.88 4.33
CA ALA A 74 9.35 -16.52 4.38
C ALA A 74 10.03 -15.56 3.40
N SER A 75 11.35 -15.55 3.41
CA SER A 75 12.14 -14.77 2.46
C SER A 75 11.77 -15.05 1.01
N GLN A 76 11.51 -16.32 0.69
CA GLN A 76 11.27 -16.72 -0.70
C GLN A 76 9.86 -16.36 -1.16
N GLY A 77 8.87 -16.57 -0.28
CA GLY A 77 7.52 -16.14 -0.56
C GLY A 77 7.37 -14.64 -0.57
N LEU A 78 8.13 -13.93 0.27
CA LEU A 78 8.04 -12.48 0.33
C LEU A 78 8.56 -11.88 -0.97
N GLY A 79 9.71 -12.33 -1.43
CA GLY A 79 10.28 -11.90 -2.71
C GLY A 79 9.36 -12.04 -3.92
N ILE A 80 8.70 -13.20 -3.99
CA ILE A 80 7.67 -13.45 -4.98
C ILE A 80 6.48 -12.48 -4.85
N LEU A 81 5.96 -12.30 -3.63
CA LEU A 81 4.84 -11.37 -3.39
C LEU A 81 5.19 -9.90 -3.68
N LEU A 82 6.42 -9.48 -3.38
CA LEU A 82 6.91 -8.12 -3.68
C LEU A 82 7.04 -7.83 -5.19
N LYS A 83 7.53 -8.81 -5.94
CA LYS A 83 7.63 -8.69 -7.41
C LYS A 83 6.24 -8.58 -8.02
N GLU A 84 5.37 -9.52 -7.66
CA GLU A 84 4.00 -9.55 -8.13
C GLU A 84 3.30 -8.20 -7.93
N GLN A 85 3.53 -7.59 -6.77
CA GLN A 85 2.89 -6.34 -6.36
C GLN A 85 3.72 -5.08 -6.69
N GLY A 86 4.70 -5.22 -7.57
CA GLY A 86 5.39 -4.08 -8.16
C GLY A 86 6.35 -3.31 -7.29
N HIS A 87 6.89 -3.96 -6.26
CA HIS A 87 8.01 -3.41 -5.50
C HIS A 87 9.28 -4.08 -5.96
N ASP A 88 10.22 -3.32 -6.49
CA ASP A 88 11.51 -3.86 -6.84
C ASP A 88 12.52 -3.17 -5.94
N LEU A 89 12.75 -3.80 -4.79
CA LEU A 89 13.60 -3.30 -3.74
C LEU A 89 14.91 -4.05 -3.78
N ALA A 90 16.02 -3.30 -3.84
CA ALA A 90 17.35 -3.89 -3.98
C ALA A 90 17.76 -4.67 -2.73
N ASP A 91 17.36 -4.15 -1.58
CA ASP A 91 17.52 -4.83 -0.30
C ASP A 91 16.41 -4.35 0.61
N TYR A 92 16.29 -5.01 1.76
CA TYR A 92 15.32 -4.59 2.78
C TYR A 92 15.46 -5.39 4.08
N ILE A 93 15.03 -4.76 5.17
CA ILE A 93 14.72 -5.47 6.37
C ILE A 93 13.32 -5.99 6.17
N PHE A 94 13.10 -7.24 6.59
CA PHE A 94 11.75 -7.69 6.83
C PHE A 94 11.56 -8.14 8.27
N ALA A 95 10.39 -7.85 8.80
CA ALA A 95 10.08 -8.12 10.17
C ALA A 95 8.85 -8.97 10.13
N ASN A 96 9.00 -10.24 10.50
CA ASN A 96 7.87 -11.18 10.57
C ASN A 96 7.22 -11.11 11.96
N VAL A 97 6.07 -10.43 12.02
CA VAL A 97 5.39 -10.16 13.29
C VAL A 97 4.30 -11.22 13.48
N GLY A 98 4.70 -12.36 14.05
CA GLY A 98 3.77 -13.50 14.24
C GLY A 98 3.41 -13.65 15.70
N THR A 99 3.20 -14.88 16.16
CA THR A 99 3.05 -15.12 17.58
C THR A 99 4.20 -14.43 18.33
N GLY A 100 5.41 -14.60 17.79
CA GLY A 100 6.61 -13.87 18.19
C GLY A 100 7.16 -13.09 16.99
N THR A 101 8.30 -12.44 17.13
CA THR A 101 8.84 -11.56 16.07
C THR A 101 10.30 -11.88 15.73
N SER A 102 10.53 -12.04 14.43
CA SER A 102 11.83 -12.39 13.86
C SER A 102 12.23 -11.32 12.84
N LEU A 103 13.45 -10.83 12.93
CA LEU A 103 13.88 -9.74 12.05
C LEU A 103 14.95 -10.21 11.09
N HIS A 104 14.73 -9.97 9.80
CA HIS A 104 15.65 -10.42 8.76
C HIS A 104 16.16 -9.29 7.87
N TYR A 105 17.43 -9.39 7.48
CA TYR A 105 18.02 -8.57 6.44
C TYR A 105 18.14 -9.39 5.15
N PHE A 106 17.55 -8.85 4.08
CA PHE A 106 17.60 -9.42 2.75
C PHE A 106 18.48 -8.54 1.86
N ASP A 107 19.68 -9.01 1.54
CA ASP A 107 20.68 -8.21 0.79
C ASP A 107 20.46 -8.08 -0.73
N GLY A 108 19.44 -8.74 -1.27
CA GLY A 108 19.22 -8.83 -2.71
C GLY A 108 19.28 -10.29 -3.15
N GLN A 109 20.11 -11.07 -2.46
CA GLN A 109 20.32 -12.47 -2.79
C GLN A 109 19.58 -13.35 -1.80
N SER A 110 20.04 -13.35 -0.54
CA SER A 110 19.54 -14.24 0.49
C SER A 110 19.11 -13.45 1.72
N GLN A 111 18.49 -14.14 2.65
CA GLN A 111 18.14 -13.54 3.94
C GLN A 111 19.15 -13.95 4.99
N ARG A 112 19.19 -13.16 6.05
CA ARG A 112 19.96 -13.47 7.23
C ARG A 112 19.12 -12.96 8.39
N ARG A 113 18.97 -13.78 9.42
CA ARG A 113 18.30 -13.35 10.64
C ARG A 113 19.25 -12.42 11.39
N VAL A 114 18.77 -11.22 11.73
CA VAL A 114 19.59 -10.23 12.44
C VAL A 114 19.06 -9.93 13.84
N GLY A 115 17.97 -10.57 14.21
CA GLY A 115 17.46 -10.44 15.57
C GLY A 115 16.01 -10.82 15.71
N GLY A 116 15.51 -10.69 16.92
CA GLY A 116 14.12 -10.92 17.14
C GLY A 116 13.78 -10.59 18.55
N ILE A 117 12.49 -10.47 18.77
CA ILE A 117 11.97 -10.14 20.07
C ILE A 117 10.65 -10.85 20.29
N GLY A 118 10.30 -11.10 21.55
CA GLY A 118 9.02 -11.72 21.89
C GLY A 118 7.79 -10.82 21.96
N THR A 119 7.93 -9.56 21.57
CA THR A 119 6.81 -8.64 21.42
C THR A 119 6.21 -8.82 20.03
N GLY A 120 4.98 -9.32 19.97
CA GLY A 120 4.24 -9.49 18.71
C GLY A 120 2.80 -9.86 18.95
N GLY A 121 2.23 -10.73 18.10
CA GLY A 121 0.82 -11.11 18.18
C GLY A 121 0.42 -11.90 19.41
N GLY A 122 1.32 -12.72 19.90
CA GLY A 122 1.09 -13.53 21.09
C GLY A 122 1.00 -12.67 22.34
N MET A 123 1.80 -11.61 22.37
CA MET A 123 1.72 -10.65 23.47
C MET A 123 0.43 -9.87 23.40
N ILE A 124 0.03 -9.49 22.18
CA ILE A 124 -1.22 -8.76 21.97
C ILE A 124 -2.37 -9.58 22.53
N GLN A 125 -2.46 -10.84 22.15
CA GLN A 125 -3.49 -11.75 22.68
C GLN A 125 -3.36 -12.04 24.17
N GLY A 126 -2.14 -12.38 24.62
CA GLY A 126 -1.91 -12.82 25.99
C GLY A 126 -2.11 -11.72 27.02
N LEU A 127 -1.34 -10.64 26.89
CA LEU A 127 -1.41 -9.50 27.79
C LEU A 127 -2.76 -8.82 27.63
N GLY A 128 -3.27 -8.80 26.39
CA GLY A 128 -4.59 -8.30 26.10
C GLY A 128 -5.62 -9.00 26.94
N TYR A 129 -5.60 -10.32 26.91
CA TYR A 129 -6.51 -11.08 27.77
C TYR A 129 -6.32 -10.75 29.24
N LEU A 130 -5.07 -10.67 29.70
CA LEU A 130 -4.83 -10.37 31.13
C LEU A 130 -5.42 -9.02 31.53
N LEU A 131 -5.46 -8.08 30.60
CA LEU A 131 -5.95 -6.74 30.86
C LEU A 131 -7.42 -6.51 30.52
N SER A 132 -8.07 -7.48 29.86
CA SER A 132 -9.48 -7.31 29.47
C SER A 132 -10.41 -8.53 29.61
N GLN A 133 -9.87 -9.70 29.95
CA GLN A 133 -10.61 -10.98 29.96
C GLN A 133 -11.15 -11.43 28.59
N ILE A 134 -10.73 -10.76 27.52
CA ILE A 134 -11.23 -11.05 26.17
C ILE A 134 -10.32 -12.06 25.46
N THR A 135 -10.88 -13.23 25.15
CA THR A 135 -10.19 -14.28 24.41
C THR A 135 -10.40 -14.21 22.88
N ASP A 136 -11.54 -13.68 22.41
CA ASP A 136 -11.86 -13.60 20.98
C ASP A 136 -10.99 -12.54 20.27
N TYR A 137 -10.20 -12.97 19.29
CA TYR A 137 -9.24 -12.09 18.60
C TYR A 137 -9.90 -10.88 17.94
N LYS A 138 -11.03 -11.15 17.28
CA LYS A 138 -11.82 -10.11 16.59
C LYS A 138 -12.30 -9.06 17.60
N GLN A 139 -12.98 -9.51 18.64
CA GLN A 139 -13.39 -8.62 19.75
C GLN A 139 -12.26 -7.77 20.31
N LEU A 140 -11.12 -8.42 20.57
CA LEU A 140 -9.95 -7.77 21.18
C LEU A 140 -9.40 -6.63 20.32
N THR A 141 -9.07 -6.97 19.07
CA THR A 141 -8.51 -6.01 18.14
C THR A 141 -9.49 -4.91 17.70
N ASP A 142 -10.77 -5.26 17.57
CA ASP A 142 -11.80 -4.25 17.33
C ASP A 142 -11.90 -3.27 18.50
N MET A 143 -11.99 -3.79 19.72
CA MET A 143 -12.08 -2.92 20.91
C MET A 143 -10.87 -1.97 21.03
N ALA A 144 -9.69 -2.44 20.65
CA ALA A 144 -8.46 -1.66 20.78
C ALA A 144 -8.37 -0.48 19.82
N GLN A 145 -9.08 -0.57 18.69
CA GLN A 145 -9.10 0.52 17.69
C GLN A 145 -9.74 1.78 18.27
N HIS A 146 -10.75 1.59 19.10
CA HIS A 146 -11.43 2.72 19.73
C HIS A 146 -10.66 3.37 20.91
N GLY A 147 -9.48 2.86 21.24
CA GLY A 147 -8.78 3.26 22.44
C GLY A 147 -7.96 4.53 22.35
N ASP A 148 -7.72 5.13 23.52
CA ASP A 148 -6.89 6.31 23.69
C ASP A 148 -5.75 5.91 24.64
N ARG A 149 -4.56 6.40 24.37
CA ARG A 149 -3.36 6.01 25.10
C ARG A 149 -2.83 7.14 25.99
N ASN A 150 -3.52 8.29 25.99
CA ASN A 150 -3.03 9.52 26.64
C ASN A 150 -2.83 9.39 28.16
N THR A 151 -3.78 8.75 28.84
CA THR A 151 -3.71 8.55 30.28
C THR A 151 -2.78 7.40 30.68
N ILE A 152 -2.34 6.60 29.71
CA ILE A 152 -1.49 5.45 29.95
C ILE A 152 -0.02 5.73 29.59
N ASP A 153 0.24 6.23 28.37
CA ASP A 153 1.62 6.45 27.89
C ASP A 153 2.19 7.82 28.25
N LEU A 154 3.51 7.85 28.45
CA LEU A 154 4.24 9.05 28.87
C LEU A 154 5.15 9.50 27.74
N LYS A 155 4.86 10.67 27.19
CA LYS A 155 5.66 11.24 26.11
C LYS A 155 6.85 11.98 26.68
N VAL A 156 7.80 12.27 25.81
CA VAL A 156 9.04 12.95 26.20
C VAL A 156 8.73 14.35 26.76
N ARG A 157 7.77 15.04 26.16
CA ARG A 157 7.40 16.41 26.61
C ARG A 157 6.84 16.47 28.04
N HIS A 158 6.23 15.38 28.50
CA HIS A 158 5.75 15.27 29.89
C HIS A 158 6.88 15.20 30.91
N ILE A 159 7.97 14.51 30.56
CA ILE A 159 9.17 14.47 31.39
C ILE A 159 9.91 15.81 31.38
N TYR A 160 9.93 16.47 30.24
CA TYR A 160 10.69 17.71 30.08
C TYR A 160 9.89 19.00 30.35
N LYS A 161 8.65 18.87 30.83
CA LYS A 161 7.76 20.01 31.15
C LYS A 161 7.85 21.22 30.18
N ASP A 162 8.24 22.40 30.67
CA ASP A 162 8.27 23.63 29.86
C ASP A 162 9.46 23.61 28.94
N THR A 163 10.58 23.15 29.50
CA THR A 163 11.87 23.19 28.82
C THR A 163 11.92 22.31 27.57
N GLU A 164 12.94 22.65 26.79
CA GLU A 164 13.23 22.05 25.50
C GLU A 164 13.98 20.72 25.69
N PRO A 165 13.39 19.60 25.21
CA PRO A 165 14.01 18.26 25.28
C PRO A 165 15.09 18.03 24.21
N PRO A 166 16.03 17.08 24.47
CA PRO A 166 17.09 16.76 23.50
C PRO A 166 16.67 15.73 22.45
N ILE A 167 15.42 15.26 22.49
CA ILE A 167 14.83 14.47 21.41
C ILE A 167 13.38 14.93 21.24
N PRO A 168 12.71 14.59 20.11
CA PRO A 168 11.35 15.11 19.88
C PRO A 168 10.36 14.84 21.01
N GLY A 169 9.67 15.89 21.46
CA GLY A 169 8.78 15.83 22.60
C GLY A 169 7.60 14.90 22.45
N ASP A 170 7.16 14.69 21.21
CA ASP A 170 6.00 13.83 20.91
C ASP A 170 6.31 12.33 21.03
N LEU A 171 7.61 11.96 21.07
CA LEU A 171 8.01 10.56 21.15
C LEU A 171 7.46 9.97 22.41
N THR A 172 7.14 8.67 22.38
CA THR A 172 6.81 7.94 23.60
C THR A 172 8.12 7.81 24.38
N ALA A 173 8.05 8.16 25.66
CA ALA A 173 9.19 8.00 26.57
C ALA A 173 9.07 6.71 27.39
N ALA A 174 7.86 6.40 27.83
CA ALA A 174 7.60 5.29 28.72
C ALA A 174 6.20 4.75 28.48
N ASN A 175 6.15 3.58 27.87
CA ASN A 175 4.90 2.86 27.69
C ASN A 175 4.34 2.48 29.08
N PHE A 176 3.08 2.78 29.33
CA PHE A 176 2.45 2.66 30.67
C PHE A 176 3.09 3.58 31.72
N GLY A 177 3.85 4.58 31.29
CA GLY A 177 4.53 5.46 32.22
C GLY A 177 3.64 6.49 32.89
N HIS A 178 2.45 6.73 32.32
CA HIS A 178 1.53 7.73 32.83
C HIS A 178 0.44 7.19 33.76
N VAL A 179 0.31 5.86 33.84
CA VAL A 179 -0.68 5.21 34.72
C VAL A 179 -0.65 5.75 36.15
N LEU A 180 0.53 5.83 36.73
CA LEU A 180 0.69 6.36 38.11
C LEU A 180 0.38 7.85 38.29
N HIS A 181 0.47 8.61 37.20
CA HIS A 181 0.11 10.03 37.17
C HIS A 181 -1.41 10.26 37.05
N HIS A 182 -2.14 9.25 36.57
CA HIS A 182 -3.59 9.34 36.39
C HIS A 182 -4.28 8.16 37.05
N LEU A 183 -3.93 7.89 38.30
CA LEU A 183 -4.79 7.09 39.18
C LEU A 183 -6.10 7.84 39.37
N ASP A 184 -7.08 7.16 39.97
CA ASP A 184 -8.49 7.59 39.99
C ASP A 184 -9.19 7.19 38.69
N ALA A 185 -8.70 7.71 37.55
CA ALA A 185 -9.18 7.31 36.21
C ALA A 185 -9.36 5.79 36.07
N ASP A 186 -10.42 5.40 35.37
CA ASP A 186 -10.82 3.98 35.25
C ASP A 186 -9.73 3.07 34.68
N PHE A 187 -9.20 3.47 33.52
CA PHE A 187 -8.43 2.61 32.59
C PHE A 187 -9.38 1.60 31.97
N THR A 188 -9.84 1.96 30.77
CA THR A 188 -10.91 1.24 30.07
C THR A 188 -10.28 0.17 29.19
N PRO A 189 -10.95 -1.00 29.03
CA PRO A 189 -10.42 -2.06 28.17
C PRO A 189 -9.88 -1.58 26.82
N SER A 190 -10.57 -0.62 26.21
CA SER A 190 -10.13 -0.01 24.95
C SER A 190 -8.78 0.68 25.09
N ASN A 191 -8.65 1.52 26.13
CA ASN A 191 -7.44 2.30 26.34
C ASN A 191 -6.23 1.42 26.60
N LYS A 192 -6.44 0.39 27.40
CA LYS A 192 -5.37 -0.51 27.81
C LYS A 192 -4.91 -1.38 26.64
N LEU A 193 -5.87 -1.93 25.89
CA LEU A 193 -5.56 -2.69 24.69
C LEU A 193 -4.83 -1.85 23.63
N ALA A 194 -5.22 -0.59 23.46
CA ALA A 194 -4.49 0.33 22.59
C ALA A 194 -3.04 0.51 22.98
N ALA A 195 -2.78 0.56 24.29
CA ALA A 195 -1.43 0.71 24.86
C ALA A 195 -0.54 -0.52 24.72
N VAL A 196 -1.15 -1.71 24.75
CA VAL A 196 -0.48 -2.98 24.51
C VAL A 196 0.02 -3.04 23.08
N ILE A 197 -0.92 -2.87 22.14
CA ILE A 197 -0.61 -2.81 20.71
C ILE A 197 0.37 -1.67 20.45
N GLY A 198 0.15 -0.54 21.12
CA GLY A 198 1.08 0.60 21.10
C GLY A 198 2.50 0.21 21.45
N VAL A 199 2.69 -0.55 22.53
CA VAL A 199 4.06 -0.93 22.96
C VAL A 199 4.66 -2.00 22.04
N VAL A 200 3.83 -2.97 21.64
CA VAL A 200 4.24 -3.99 20.68
C VAL A 200 4.61 -3.39 19.31
N GLY A 201 3.80 -2.47 18.83
CA GLY A 201 4.11 -1.78 17.58
C GLY A 201 5.40 -1.01 17.65
N GLU A 202 5.66 -0.37 18.78
CA GLU A 202 6.84 0.50 18.92
C GLU A 202 8.15 -0.26 19.07
N VAL A 203 8.13 -1.37 19.79
CA VAL A 203 9.35 -2.17 19.99
C VAL A 203 9.80 -2.81 18.67
N VAL A 204 8.84 -3.34 17.92
CA VAL A 204 9.12 -3.98 16.63
C VAL A 204 9.72 -2.98 15.63
N THR A 205 9.13 -1.80 15.55
CA THR A 205 9.64 -0.74 14.66
C THR A 205 11.04 -0.31 15.08
N THR A 206 11.23 -0.08 16.37
CA THR A 206 12.56 0.29 16.93
C THR A 206 13.67 -0.69 16.54
N MET A 207 13.39 -1.97 16.71
CA MET A 207 14.28 -3.02 16.32
C MET A 207 14.53 -3.01 14.82
N ALA A 208 13.44 -2.93 14.05
CA ALA A 208 13.54 -2.86 12.60
C ALA A 208 14.31 -1.63 12.11
N ILE A 209 14.00 -0.43 12.60
CA ILE A 209 14.75 0.78 12.15
C ILE A 209 16.22 0.72 12.54
N THR A 210 16.52 0.14 13.70
CA THR A 210 17.91 0.03 14.21
C THR A 210 18.76 -0.87 13.34
N VAL A 211 18.27 -2.09 13.15
CA VAL A 211 18.81 -3.06 12.22
C VAL A 211 18.88 -2.53 10.76
N ALA A 212 17.87 -1.79 10.32
CA ALA A 212 17.90 -1.15 8.99
C ALA A 212 19.15 -0.24 8.83
N ARG A 213 19.41 0.58 9.84
CA ARG A 213 20.58 1.45 9.90
C ARG A 213 21.87 0.65 9.96
N GLU A 214 21.85 -0.48 10.69
CA GLU A 214 23.02 -1.35 10.82
C GLU A 214 23.44 -1.96 9.49
N PHE A 215 22.48 -2.43 8.70
CA PHE A 215 22.77 -3.09 7.42
C PHE A 215 22.57 -2.18 6.21
N LYS A 216 22.31 -0.89 6.47
CA LYS A 216 22.38 0.16 5.45
C LYS A 216 21.31 0.05 4.37
N THR A 217 20.07 -0.20 4.81
CA THR A 217 18.88 -0.13 3.95
C THR A 217 17.90 0.81 4.58
N GLU A 218 17.07 1.43 3.76
CA GLU A 218 15.97 2.28 4.22
C GLU A 218 14.64 1.55 4.07
N ASN A 219 14.66 0.34 3.52
CA ASN A 219 13.41 -0.38 3.24
C ASN A 219 13.08 -1.36 4.34
N ILE A 220 11.87 -1.26 4.90
CA ILE A 220 11.42 -2.18 5.94
C ILE A 220 10.07 -2.80 5.57
N VAL A 221 10.09 -4.09 5.22
CA VAL A 221 8.87 -4.82 4.91
C VAL A 221 8.33 -5.46 6.18
N TYR A 222 7.06 -5.19 6.48
CA TYR A 222 6.40 -5.83 7.62
C TYR A 222 5.45 -6.92 7.14
N ILE A 223 5.53 -8.11 7.74
CA ILE A 223 4.61 -9.23 7.46
C ILE A 223 4.17 -9.95 8.74
N GLY A 224 3.33 -10.97 8.59
CA GLY A 224 2.75 -11.72 9.71
C GLY A 224 1.25 -11.46 9.82
N SER A 225 0.52 -12.38 10.42
CA SER A 225 -0.91 -12.23 10.61
C SER A 225 -1.28 -11.20 11.69
N SER A 226 -0.33 -10.81 12.55
CA SER A 226 -0.58 -9.81 13.60
C SER A 226 -1.24 -8.55 13.09
N PHE A 227 -1.00 -8.23 11.81
CA PHE A 227 -1.56 -7.04 11.19
C PHE A 227 -2.99 -7.20 10.63
N HIS A 228 -3.53 -8.43 10.63
CA HIS A 228 -4.89 -8.63 10.18
C HIS A 228 -5.87 -8.06 11.21
N ASN A 229 -6.85 -7.31 10.73
CA ASN A 229 -7.88 -6.70 11.58
C ASN A 229 -7.29 -5.82 12.68
N ASN A 230 -6.13 -5.23 12.41
CA ASN A 230 -5.46 -4.37 13.39
C ASN A 230 -4.85 -3.12 12.78
N ALA A 231 -5.73 -2.20 12.43
CA ALA A 231 -5.34 -0.92 11.83
C ALA A 231 -4.42 -0.12 12.74
N LEU A 232 -4.69 -0.14 14.03
CA LEU A 232 -3.85 0.56 15.00
C LEU A 232 -2.39 0.10 14.92
N LEU A 233 -2.17 -1.19 14.89
CA LEU A 233 -0.83 -1.70 14.76
C LEU A 233 -0.07 -1.20 13.52
N ARG A 234 -0.71 -1.23 12.36
CA ARG A 234 -0.12 -0.78 11.14
C ARG A 234 0.17 0.71 11.19
N LYS A 235 -0.75 1.46 11.79
CA LYS A 235 -0.57 2.88 11.94
C LYS A 235 0.61 3.15 12.85
N VAL A 236 0.65 2.48 13.99
CA VAL A 236 1.73 2.66 14.94
C VAL A 236 3.04 2.40 14.27
N VAL A 237 3.15 1.23 13.69
CA VAL A 237 4.35 0.76 12.96
C VAL A 237 4.74 1.68 11.82
N GLU A 238 3.75 2.01 10.99
CA GLU A 238 3.96 2.83 9.79
C GLU A 238 4.40 4.27 10.06
N ASP A 239 3.69 4.97 10.94
CA ASP A 239 4.02 6.37 11.28
C ASP A 239 5.44 6.47 11.82
N TYR A 240 5.78 5.60 12.78
CA TYR A 240 7.09 5.65 13.39
C TYR A 240 8.23 5.20 12.46
N THR A 241 7.94 4.32 11.52
CA THR A 241 8.93 3.93 10.51
C THR A 241 9.31 5.12 9.64
N VAL A 242 8.28 5.85 9.20
CA VAL A 242 8.45 7.08 8.40
C VAL A 242 9.17 8.12 9.23
N LEU A 243 8.67 8.36 10.45
CA LEU A 243 9.29 9.32 11.37
C LEU A 243 10.80 9.17 11.50
N ARG A 244 11.30 7.93 11.43
CA ARG A 244 12.74 7.63 11.50
C ARG A 244 13.44 7.56 10.13
N GLY A 245 12.77 8.03 9.08
CA GLY A 245 13.38 8.14 7.75
C GLY A 245 13.53 6.84 7.00
N CYS A 246 12.68 5.86 7.30
CA CYS A 246 12.65 4.60 6.58
C CYS A 246 11.32 4.48 5.84
N LYS A 247 11.27 3.55 4.90
CA LYS A 247 10.09 3.34 4.08
C LYS A 247 9.40 2.01 4.43
N PRO A 248 8.21 2.08 5.05
CA PRO A 248 7.49 0.86 5.43
C PRO A 248 6.72 0.27 4.26
N TYR A 249 6.65 -1.07 4.22
CA TYR A 249 5.86 -1.79 3.22
C TYR A 249 5.08 -2.92 3.83
N TYR A 250 3.76 -2.90 3.62
CA TYR A 250 2.88 -4.07 3.81
C TYR A 250 2.56 -4.74 2.47
N VAL A 251 2.26 -6.02 2.52
CA VAL A 251 2.17 -6.85 1.33
C VAL A 251 0.87 -7.64 1.37
N GLU A 252 0.11 -7.60 0.27
CA GLU A 252 -1.08 -8.43 0.15
C GLU A 252 -0.72 -9.91 0.34
N ASN A 253 -1.44 -10.58 1.25
CA ASN A 253 -1.14 -11.95 1.69
C ASN A 253 0.29 -12.13 2.22
N GLY A 254 0.83 -11.08 2.86
CA GLY A 254 2.19 -11.13 3.39
C GLY A 254 2.36 -12.14 4.50
N ALA A 255 1.27 -12.40 5.21
CA ALA A 255 1.20 -13.46 6.23
C ALA A 255 1.28 -14.91 5.66
N PHE A 256 1.20 -15.06 4.34
CA PHE A 256 1.34 -16.34 3.66
C PHE A 256 2.73 -16.49 3.00
N SER A 257 3.63 -15.54 3.24
CA SER A 257 4.99 -15.58 2.70
C SER A 257 5.71 -16.91 2.94
N GLY A 258 5.50 -17.49 4.11
CA GLY A 258 6.05 -18.81 4.43
C GLY A 258 5.49 -19.96 3.61
N ALA A 259 4.18 -19.98 3.43
CA ALA A 259 3.49 -21.08 2.75
C ALA A 259 3.75 -21.07 1.26
N ILE A 260 3.85 -19.87 0.70
CA ILE A 260 4.22 -19.67 -0.71
C ILE A 260 5.67 -20.07 -0.98
N GLY A 261 6.58 -19.61 -0.13
CA GLY A 261 7.99 -19.94 -0.24
C GLY A 261 8.28 -21.42 -0.15
N ALA A 262 7.62 -22.11 0.78
CA ALA A 262 7.75 -23.56 0.90
C ALA A 262 7.49 -24.26 -0.42
N LEU A 263 6.49 -23.78 -1.17
CA LEU A 263 6.18 -24.31 -2.51
C LEU A 263 7.22 -24.03 -3.59
N TYR A 264 7.94 -22.92 -3.49
CA TYR A 264 8.91 -22.55 -4.52
C TYR A 264 10.36 -22.91 -4.24
N LEU A 265 10.65 -23.41 -3.05
CA LEU A 265 11.93 -24.05 -2.76
C LEU A 265 11.86 -25.53 -3.15
N MET B 1 -17.60 -21.93 6.31
CA MET B 1 -19.01 -22.40 6.53
C MET B 1 -20.07 -21.34 6.20
N LYS B 2 -19.75 -20.06 6.38
CA LYS B 2 -20.42 -18.98 5.67
C LYS B 2 -19.55 -18.72 4.43
N VAL B 3 -20.16 -18.67 3.24
CA VAL B 3 -19.39 -18.48 2.00
C VAL B 3 -20.00 -17.40 1.10
N GLY B 4 -19.12 -16.55 0.55
CA GLY B 4 -19.52 -15.49 -0.39
C GLY B 4 -18.84 -15.70 -1.73
N ILE B 5 -19.59 -15.57 -2.82
CA ILE B 5 -19.04 -15.83 -4.16
C ILE B 5 -19.42 -14.72 -5.11
N ASP B 6 -18.41 -14.18 -5.78
CA ASP B 6 -18.58 -13.22 -6.86
C ASP B 6 -18.14 -14.00 -8.10
N ALA B 7 -19.10 -14.45 -8.90
CA ALA B 7 -18.83 -15.22 -10.11
C ALA B 7 -18.85 -14.30 -11.32
N GLY B 8 -17.68 -13.78 -11.66
CA GLY B 8 -17.54 -12.80 -12.73
C GLY B 8 -17.33 -13.41 -14.10
N GLY B 9 -16.93 -12.55 -15.03
CA GLY B 9 -16.74 -12.93 -16.42
C GLY B 9 -15.58 -13.86 -16.67
N THR B 10 -14.52 -13.67 -15.91
CA THR B 10 -13.28 -14.45 -16.05
C THR B 10 -12.98 -15.27 -14.77
N LEU B 11 -13.01 -14.61 -13.61
CA LEU B 11 -12.70 -15.27 -12.34
C LEU B 11 -13.93 -15.43 -11.44
N ILE B 12 -14.00 -16.60 -10.81
CA ILE B 12 -14.87 -16.84 -9.66
C ILE B 12 -14.04 -16.61 -8.40
N LYS B 13 -14.55 -15.73 -7.55
CA LYS B 13 -13.88 -15.35 -6.30
C LYS B 13 -14.71 -15.87 -5.14
N ILE B 14 -14.10 -16.71 -4.31
CA ILE B 14 -14.79 -17.33 -3.20
C ILE B 14 -14.13 -16.85 -1.92
N VAL B 15 -14.95 -16.42 -0.98
CA VAL B 15 -14.51 -16.17 0.40
C VAL B 15 -15.29 -17.11 1.34
N GLN B 16 -14.56 -17.90 2.15
CA GLN B 16 -15.17 -18.72 3.20
C GLN B 16 -14.82 -18.13 4.55
N GLU B 17 -15.84 -17.98 5.39
CA GLU B 17 -15.65 -17.47 6.74
C GLU B 17 -16.02 -18.58 7.72
N GLN B 18 -15.09 -18.90 8.62
CA GLN B 18 -15.25 -19.97 9.59
C GLN B 18 -14.86 -19.40 10.95
N ASP B 19 -15.86 -18.97 11.71
CA ASP B 19 -15.68 -18.07 12.84
C ASP B 19 -14.97 -16.81 12.32
N ASN B 20 -13.68 -16.63 12.63
CA ASN B 20 -12.96 -15.42 12.23
C ASN B 20 -11.67 -15.72 11.46
N GLN B 21 -11.66 -16.83 10.71
CA GLN B 21 -10.56 -17.14 9.80
C GLN B 21 -11.10 -17.19 8.37
N ARG B 22 -10.89 -16.09 7.65
CA ARG B 22 -11.24 -15.97 6.24
C ARG B 22 -10.39 -16.89 5.38
N THR B 23 -10.95 -17.29 4.26
CA THR B 23 -10.23 -18.05 3.26
C THR B 23 -10.48 -17.38 1.92
N PHE B 24 -9.41 -17.10 1.18
CA PHE B 24 -9.54 -16.50 -0.13
C PHE B 24 -9.20 -17.53 -1.21
N LYS B 25 -10.16 -17.78 -2.09
CA LYS B 25 -10.00 -18.73 -3.16
C LYS B 25 -10.42 -18.13 -4.50
N THR B 26 -9.58 -18.35 -5.50
CA THR B 26 -9.90 -17.96 -6.87
C THR B 26 -9.88 -19.19 -7.78
N GLU B 27 -10.68 -19.11 -8.82
CA GLU B 27 -10.91 -20.24 -9.72
C GLU B 27 -11.40 -19.68 -11.04
N LEU B 28 -11.08 -20.34 -12.15
CA LEU B 28 -11.53 -19.90 -13.46
C LEU B 28 -13.05 -20.02 -13.67
N THR B 29 -13.64 -19.02 -14.31
CA THR B 29 -15.07 -19.06 -14.66
C THR B 29 -15.40 -20.24 -15.60
N LYS B 30 -14.48 -20.57 -16.51
CA LYS B 30 -14.66 -21.73 -17.40
C LYS B 30 -14.73 -23.08 -16.64
N ASN B 31 -14.18 -23.12 -15.43
CA ASN B 31 -14.30 -24.27 -14.53
C ASN B 31 -15.36 -24.03 -13.45
N ILE B 32 -16.46 -23.37 -13.83
CA ILE B 32 -17.59 -23.16 -12.92
C ILE B 32 -18.26 -24.47 -12.48
N ASP B 33 -18.28 -25.45 -13.38
CA ASP B 33 -18.80 -26.79 -13.07
C ASP B 33 -18.15 -27.37 -11.82
N GLN B 34 -16.82 -27.27 -11.74
CA GLN B 34 -16.06 -27.74 -10.58
C GLN B 34 -16.36 -26.99 -9.28
N VAL B 35 -16.70 -25.71 -9.38
CA VAL B 35 -17.09 -24.92 -8.20
C VAL B 35 -18.42 -25.44 -7.62
N VAL B 36 -19.38 -25.77 -8.49
CA VAL B 36 -20.66 -26.37 -8.08
C VAL B 36 -20.44 -27.70 -7.35
N GLU B 37 -19.69 -28.59 -8.02
CA GLU B 37 -19.28 -29.90 -7.46
C GLU B 37 -18.73 -29.72 -6.05
N TRP B 38 -17.74 -28.84 -5.92
CA TRP B 38 -17.11 -28.52 -4.64
C TRP B 38 -18.11 -27.94 -3.63
N LEU B 39 -18.97 -27.02 -4.07
CA LEU B 39 -19.97 -26.39 -3.20
C LEU B 39 -20.95 -27.39 -2.63
N ASN B 40 -21.41 -28.31 -3.46
CA ASN B 40 -22.38 -29.32 -3.01
C ASN B 40 -21.85 -30.27 -1.92
N GLN B 41 -20.52 -30.47 -1.88
CA GLN B 41 -19.87 -31.29 -0.84
C GLN B 41 -19.34 -30.45 0.35
N GLN B 42 -20.15 -29.52 0.86
CA GLN B 42 -19.72 -28.64 1.97
C GLN B 42 -20.82 -28.40 3.01
N GLN B 43 -20.38 -28.17 4.25
CA GLN B 43 -21.23 -27.66 5.34
C GLN B 43 -21.33 -26.15 5.18
N ILE B 44 -22.46 -25.66 4.66
CA ILE B 44 -22.64 -24.22 4.43
C ILE B 44 -23.81 -23.66 5.28
N GLU B 45 -23.46 -22.90 6.32
CA GLU B 45 -24.45 -22.19 7.17
C GLU B 45 -25.21 -21.13 6.38
N LYS B 46 -24.49 -20.36 5.56
CA LYS B 46 -25.15 -19.47 4.61
C LYS B 46 -24.30 -19.22 3.39
N LEU B 47 -24.98 -19.07 2.25
CA LEU B 47 -24.36 -18.89 0.95
C LEU B 47 -24.91 -17.59 0.36
N CYS B 48 -24.03 -16.79 -0.24
CA CYS B 48 -24.41 -15.52 -0.86
C CYS B 48 -23.71 -15.36 -2.19
N LEU B 49 -24.44 -14.94 -3.21
CA LEU B 49 -23.92 -14.89 -4.56
C LEU B 49 -24.00 -13.50 -5.17
N THR B 50 -23.08 -13.23 -6.07
CA THR B 50 -23.16 -12.04 -6.89
C THR B 50 -22.35 -12.28 -8.18
N GLY B 51 -22.36 -11.29 -9.06
CA GLY B 51 -21.68 -11.37 -10.34
C GLY B 51 -22.54 -11.97 -11.44
N GLY B 52 -22.02 -11.88 -12.67
CA GLY B 52 -22.74 -12.32 -13.87
C GLY B 52 -23.12 -13.78 -13.92
N ASN B 53 -22.30 -14.64 -13.33
CA ASN B 53 -22.55 -16.09 -13.38
C ASN B 53 -23.23 -16.65 -12.15
N ALA B 54 -23.69 -15.77 -11.25
CA ALA B 54 -24.37 -16.18 -10.03
C ALA B 54 -25.53 -17.15 -10.27
N GLY B 55 -26.31 -16.90 -11.33
CA GLY B 55 -27.48 -17.72 -11.67
C GLY B 55 -27.11 -19.13 -12.06
N VAL B 56 -26.04 -19.28 -12.83
CA VAL B 56 -25.51 -20.60 -13.24
C VAL B 56 -25.26 -21.48 -12.00
N ILE B 57 -24.68 -20.86 -10.98
CA ILE B 57 -24.41 -21.52 -9.71
C ILE B 57 -25.72 -21.79 -8.97
N ALA B 58 -26.57 -20.78 -8.84
CA ALA B 58 -27.77 -20.90 -8.03
C ALA B 58 -28.64 -22.08 -8.44
N GLU B 59 -28.82 -22.26 -9.75
CA GLU B 59 -29.70 -23.32 -10.29
C GLU B 59 -29.08 -24.72 -10.36
N ASN B 60 -27.75 -24.81 -10.24
CA ASN B 60 -27.05 -26.10 -10.16
C ASN B 60 -26.68 -26.55 -8.73
N ILE B 61 -27.26 -25.88 -7.73
CA ILE B 61 -26.94 -26.08 -6.32
C ILE B 61 -28.22 -26.55 -5.62
N ASN B 62 -28.07 -27.46 -4.65
CA ASN B 62 -29.20 -28.06 -3.91
C ASN B 62 -29.40 -27.41 -2.52
N ILE B 63 -29.15 -26.10 -2.47
CA ILE B 63 -29.06 -25.33 -1.23
C ILE B 63 -29.58 -23.95 -1.62
N PRO B 64 -30.41 -23.32 -0.78
CA PRO B 64 -30.82 -21.95 -1.09
C PRO B 64 -29.65 -20.95 -1.00
N ALA B 65 -29.78 -19.82 -1.69
CA ALA B 65 -28.73 -18.79 -1.69
C ALA B 65 -29.24 -17.41 -2.13
N GLN B 66 -28.86 -16.39 -1.39
CA GLN B 66 -29.23 -15.02 -1.72
C GLN B 66 -28.38 -14.53 -2.86
N ILE B 67 -28.96 -13.65 -3.69
CA ILE B 67 -28.26 -13.08 -4.85
C ILE B 67 -28.31 -11.55 -4.80
N PHE B 68 -27.14 -10.91 -4.84
CA PHE B 68 -27.02 -9.45 -4.73
C PHE B 68 -26.42 -8.83 -5.99
N VAL B 69 -26.75 -7.57 -6.21
CA VAL B 69 -26.24 -6.82 -7.35
C VAL B 69 -24.75 -6.55 -7.05
N GLU B 70 -23.86 -6.92 -7.98
CA GLU B 70 -22.41 -6.88 -7.74
C GLU B 70 -21.90 -5.49 -7.42
N PHE B 71 -22.61 -4.47 -7.86
CA PHE B 71 -22.26 -3.08 -7.55
C PHE B 71 -22.41 -2.79 -6.08
N ASP B 72 -23.58 -3.10 -5.54
CA ASP B 72 -23.79 -3.00 -4.11
C ASP B 72 -22.77 -3.85 -3.32
N ALA B 73 -22.54 -5.09 -3.76
CA ALA B 73 -21.67 -6.02 -3.02
C ALA B 73 -20.21 -5.56 -3.00
N ALA B 74 -19.71 -5.13 -4.15
CA ALA B 74 -18.35 -4.59 -4.25
C ALA B 74 -18.12 -3.38 -3.32
N SER B 75 -19.09 -2.48 -3.27
CA SER B 75 -19.03 -1.33 -2.37
C SER B 75 -18.96 -1.76 -0.91
N GLN B 76 -19.74 -2.78 -0.54
CA GLN B 76 -19.86 -3.20 0.87
C GLN B 76 -18.58 -3.85 1.33
N GLY B 77 -18.11 -4.79 0.52
CA GLY B 77 -16.85 -5.44 0.79
C GLY B 77 -15.65 -4.51 0.76
N LEU B 78 -15.65 -3.55 -0.17
CA LEU B 78 -14.54 -2.60 -0.25
C LEU B 78 -14.43 -1.73 1.00
N GLY B 79 -15.57 -1.28 1.54
CA GLY B 79 -15.62 -0.53 2.81
C GLY B 79 -15.11 -1.28 4.02
N ILE B 80 -15.40 -2.59 4.07
CA ILE B 80 -14.90 -3.48 5.10
C ILE B 80 -13.38 -3.65 5.01
N LEU B 81 -12.88 -3.94 3.81
CA LEU B 81 -11.43 -4.04 3.57
C LEU B 81 -10.68 -2.74 3.90
N LEU B 82 -11.25 -1.59 3.54
CA LEU B 82 -10.64 -0.28 3.82
C LEU B 82 -10.54 0.01 5.32
N LYS B 83 -11.59 -0.37 6.06
CA LYS B 83 -11.59 -0.21 7.52
C LYS B 83 -10.53 -1.10 8.16
N GLU B 84 -10.52 -2.37 7.76
CA GLU B 84 -9.59 -3.35 8.28
C GLU B 84 -8.14 -2.94 8.08
N GLN B 85 -7.85 -2.36 6.91
CA GLN B 85 -6.48 -1.94 6.53
C GLN B 85 -6.16 -0.46 6.82
N GLY B 86 -6.97 0.19 7.66
CA GLY B 86 -6.64 1.49 8.24
C GLY B 86 -6.88 2.74 7.42
N HIS B 87 -7.72 2.65 6.40
CA HIS B 87 -8.13 3.83 5.62
C HIS B 87 -9.50 4.25 6.08
N ASP B 88 -9.59 5.48 6.61
CA ASP B 88 -10.88 6.10 6.88
C ASP B 88 -11.05 7.24 5.89
N LEU B 89 -11.73 6.91 4.80
CA LEU B 89 -12.01 7.83 3.71
C LEU B 89 -13.47 8.24 3.80
N ALA B 90 -13.71 9.55 3.83
CA ALA B 90 -15.08 10.09 3.93
C ALA B 90 -15.89 9.84 2.65
N ASP B 91 -15.20 9.91 1.51
CA ASP B 91 -15.80 9.60 0.21
C ASP B 91 -14.69 9.13 -0.71
N TYR B 92 -15.06 8.64 -1.88
CA TYR B 92 -14.10 8.16 -2.88
C TYR B 92 -14.78 7.62 -4.15
N ILE B 93 -14.04 7.74 -5.25
CA ILE B 93 -14.33 6.96 -6.44
C ILE B 93 -13.71 5.60 -6.21
N PHE B 94 -14.41 4.53 -6.60
CA PHE B 94 -13.76 3.26 -6.82
C PHE B 94 -13.95 2.77 -8.25
N ALA B 95 -12.87 2.22 -8.81
CA ALA B 95 -12.84 1.74 -10.18
C ALA B 95 -12.61 0.24 -10.13
N ASN B 96 -13.63 -0.55 -10.44
CA ASN B 96 -13.53 -2.01 -10.45
C ASN B 96 -13.02 -2.47 -11.83
N VAL B 97 -11.71 -2.72 -11.92
CA VAL B 97 -11.04 -3.05 -13.17
C VAL B 97 -11.02 -4.58 -13.31
N GLY B 98 -12.12 -5.11 -13.85
CA GLY B 98 -12.28 -6.56 -14.04
C GLY B 98 -12.10 -6.91 -15.50
N THR B 99 -12.82 -7.93 -15.95
CA THR B 99 -12.88 -8.25 -17.37
C THR B 99 -13.25 -6.96 -18.09
N GLY B 100 -14.27 -6.27 -17.60
CA GLY B 100 -14.54 -4.88 -17.98
C GLY B 100 -14.34 -3.95 -16.79
N THR B 101 -14.62 -2.67 -17.01
CA THR B 101 -14.42 -1.67 -15.96
C THR B 101 -15.71 -0.88 -15.63
N SER B 102 -15.96 -0.75 -14.33
CA SER B 102 -17.15 -0.13 -13.75
C SER B 102 -16.67 0.92 -12.74
N LEU B 103 -17.18 2.15 -12.85
CA LEU B 103 -16.71 3.27 -12.01
C LEU B 103 -17.82 3.75 -11.09
N HIS B 104 -17.52 3.80 -9.79
CA HIS B 104 -18.50 4.09 -8.76
C HIS B 104 -18.06 5.24 -7.87
N TYR B 105 -19.03 6.09 -7.50
CA TYR B 105 -18.82 7.14 -6.51
C TYR B 105 -19.46 6.68 -5.21
N PHE B 106 -18.67 6.66 -4.15
CA PHE B 106 -19.11 6.32 -2.82
C PHE B 106 -19.09 7.62 -2.01
N ASP B 107 -20.29 8.08 -1.61
CA ASP B 107 -20.46 9.37 -0.90
C ASP B 107 -20.17 9.34 0.62
N GLY B 108 -19.93 8.14 1.16
CA GLY B 108 -19.84 7.92 2.61
C GLY B 108 -20.95 7.02 3.12
N GLN B 109 -22.06 6.99 2.40
CA GLN B 109 -23.23 6.22 2.78
C GLN B 109 -23.44 5.06 1.83
N SER B 110 -23.63 5.37 0.54
CA SER B 110 -23.93 4.36 -0.47
C SER B 110 -23.15 4.63 -1.73
N GLN B 111 -23.11 3.63 -2.62
CA GLN B 111 -22.46 3.77 -3.94
C GLN B 111 -23.45 4.15 -5.04
N ARG B 112 -22.90 4.76 -6.08
CA ARG B 112 -23.63 5.07 -7.29
C ARG B 112 -22.67 4.85 -8.48
N ARG B 113 -23.11 4.08 -9.47
CA ARG B 113 -22.34 3.87 -10.70
C ARG B 113 -22.35 5.13 -11.56
N VAL B 114 -21.18 5.73 -11.73
CA VAL B 114 -21.03 6.99 -12.45
C VAL B 114 -20.45 6.80 -13.86
N GLY B 115 -20.21 5.56 -14.26
CA GLY B 115 -19.72 5.26 -15.58
C GLY B 115 -19.13 3.87 -15.71
N GLY B 116 -18.56 3.60 -16.88
CA GLY B 116 -17.86 2.36 -17.10
C GLY B 116 -17.32 2.33 -18.50
N ILE B 117 -16.24 1.59 -18.69
CA ILE B 117 -15.61 1.45 -20.00
C ILE B 117 -15.16 0.01 -20.21
N GLY B 118 -15.11 -0.44 -21.47
CA GLY B 118 -14.69 -1.80 -21.80
C GLY B 118 -13.20 -2.05 -21.80
N THR B 119 -12.41 -1.02 -21.48
CA THR B 119 -10.97 -1.14 -21.28
C THR B 119 -10.67 -1.69 -19.89
N GLY B 120 -10.23 -2.94 -19.85
CA GLY B 120 -9.86 -3.61 -18.60
C GLY B 120 -8.99 -4.84 -18.81
N GLY B 121 -9.19 -5.86 -17.99
CA GLY B 121 -8.39 -7.09 -18.04
C GLY B 121 -8.73 -8.01 -19.20
N GLY B 122 -9.97 -7.94 -19.67
CA GLY B 122 -10.41 -8.68 -20.85
C GLY B 122 -9.79 -8.15 -22.14
N MET B 123 -9.57 -6.85 -22.21
CA MET B 123 -8.80 -6.28 -23.31
C MET B 123 -7.35 -6.66 -23.21
N ILE B 124 -6.80 -6.64 -21.99
CA ILE B 124 -5.39 -6.96 -21.79
C ILE B 124 -5.11 -8.38 -22.31
N GLN B 125 -5.94 -9.33 -21.92
CA GLN B 125 -5.86 -10.69 -22.43
C GLN B 125 -6.16 -10.74 -23.94
N GLY B 126 -7.34 -10.25 -24.33
CA GLY B 126 -7.80 -10.34 -25.72
C GLY B 126 -6.87 -9.73 -26.74
N LEU B 127 -6.68 -8.42 -26.66
CA LEU B 127 -5.79 -7.70 -27.57
C LEU B 127 -4.36 -8.17 -27.40
N GLY B 128 -3.97 -8.47 -26.17
CA GLY B 128 -2.66 -9.03 -25.86
C GLY B 128 -2.39 -10.28 -26.66
N TYR B 129 -3.35 -11.22 -26.69
CA TYR B 129 -3.23 -12.42 -27.52
C TYR B 129 -3.06 -12.03 -28.96
N LEU B 130 -3.97 -11.20 -29.46
CA LEU B 130 -3.88 -10.81 -30.89
C LEU B 130 -2.48 -10.29 -31.26
N LEU B 131 -1.83 -9.59 -30.34
CA LEU B 131 -0.52 -9.02 -30.62
C LEU B 131 0.66 -9.91 -30.29
N SER B 132 0.43 -11.06 -29.65
CA SER B 132 1.52 -11.95 -29.17
C SER B 132 1.30 -13.47 -29.29
N GLN B 133 0.08 -13.90 -29.59
CA GLN B 133 -0.32 -15.31 -29.58
C GLN B 133 -0.26 -15.98 -28.19
N ILE B 134 -0.09 -15.19 -27.13
CA ILE B 134 0.05 -15.71 -25.77
C ILE B 134 -1.31 -15.80 -25.05
N THR B 135 -1.70 -17.02 -24.67
CA THR B 135 -2.95 -17.30 -23.95
C THR B 135 -2.81 -17.38 -22.43
N ASP B 136 -1.62 -17.72 -21.92
CA ASP B 136 -1.37 -17.89 -20.50
C ASP B 136 -1.23 -16.51 -19.85
N TYR B 137 -2.10 -16.24 -18.87
CA TYR B 137 -2.17 -14.93 -18.22
C TYR B 137 -0.83 -14.53 -17.59
N LYS B 138 -0.21 -15.49 -16.91
CA LYS B 138 1.07 -15.28 -16.23
C LYS B 138 2.18 -14.94 -17.22
N GLN B 139 2.32 -15.76 -18.25
CA GLN B 139 3.25 -15.46 -19.35
C GLN B 139 3.04 -14.05 -19.91
N LEU B 140 1.77 -13.71 -20.19
CA LEU B 140 1.41 -12.45 -20.83
C LEU B 140 1.84 -11.23 -20.03
N THR B 141 1.38 -11.19 -18.77
CA THR B 141 1.69 -10.10 -17.87
C THR B 141 3.18 -10.06 -17.49
N ASP B 142 3.80 -11.22 -17.26
CA ASP B 142 5.27 -11.26 -17.05
C ASP B 142 6.04 -10.66 -18.23
N MET B 143 5.63 -10.97 -19.44
CA MET B 143 6.28 -10.47 -20.61
C MET B 143 6.11 -8.99 -20.81
N ALA B 144 4.96 -8.48 -20.45
CA ALA B 144 4.67 -7.09 -20.61
C ALA B 144 5.47 -6.22 -19.69
N GLN B 145 5.76 -6.70 -18.49
CA GLN B 145 6.48 -5.94 -17.46
C GLN B 145 7.74 -5.34 -17.96
N HIS B 146 8.51 -6.14 -18.63
CA HIS B 146 9.75 -5.65 -19.18
C HIS B 146 9.62 -4.48 -20.14
N GLY B 147 8.61 -4.54 -21.00
CA GLY B 147 8.50 -3.75 -22.21
C GLY B 147 8.71 -2.26 -22.17
N ASP B 148 9.01 -1.70 -23.33
CA ASP B 148 9.34 -0.29 -23.53
C ASP B 148 8.33 0.28 -24.53
N ARG B 149 7.74 1.42 -24.19
CA ARG B 149 6.67 2.01 -24.99
C ARG B 149 7.12 3.16 -25.88
N ASN B 150 8.40 3.54 -25.80
CA ASN B 150 8.93 4.68 -26.55
C ASN B 150 8.65 4.64 -28.05
N THR B 151 8.92 3.49 -28.67
CA THR B 151 8.72 3.33 -30.12
C THR B 151 7.25 3.18 -30.52
N ILE B 152 6.36 3.01 -29.55
CA ILE B 152 4.96 2.81 -29.82
C ILE B 152 4.13 4.03 -29.47
N ASP B 153 4.29 4.60 -28.28
CA ASP B 153 3.49 5.76 -27.85
C ASP B 153 4.06 7.10 -28.26
N LEU B 154 3.16 8.06 -28.47
CA LEU B 154 3.53 9.41 -28.90
C LEU B 154 3.17 10.36 -27.78
N LYS B 155 4.17 11.02 -27.23
CA LYS B 155 3.99 12.02 -26.18
C LYS B 155 3.67 13.38 -26.77
N VAL B 156 3.22 14.28 -25.92
CA VAL B 156 2.89 15.66 -26.31
C VAL B 156 4.12 16.42 -26.82
N ARG B 157 5.29 16.19 -26.21
CA ARG B 157 6.53 16.86 -26.65
C ARG B 157 7.01 16.43 -28.05
N HIS B 158 6.56 15.27 -28.52
CA HIS B 158 6.84 14.82 -29.90
C HIS B 158 6.01 15.57 -30.94
N ILE B 159 4.84 16.04 -30.54
CA ILE B 159 3.98 16.80 -31.40
C ILE B 159 4.37 18.28 -31.42
N TYR B 160 4.66 18.88 -30.28
CA TYR B 160 5.08 20.27 -30.22
C TYR B 160 6.56 20.22 -30.17
N LYS B 161 7.17 20.21 -31.34
CA LYS B 161 8.59 20.04 -31.53
C LYS B 161 9.58 20.53 -30.46
N ASP B 162 9.75 21.83 -30.34
CA ASP B 162 10.69 22.31 -29.39
C ASP B 162 10.04 23.39 -28.57
N THR B 163 8.85 23.75 -29.02
CA THR B 163 8.02 24.77 -28.42
C THR B 163 7.50 24.35 -27.11
N GLU B 164 7.09 25.31 -26.32
CA GLU B 164 6.46 24.94 -25.07
C GLU B 164 4.98 24.66 -25.36
N PRO B 165 4.63 23.41 -25.26
CA PRO B 165 3.26 22.87 -25.33
C PRO B 165 2.30 23.43 -24.25
N PRO B 166 0.99 23.51 -24.57
CA PRO B 166 0.03 24.07 -23.61
C PRO B 166 -0.36 23.11 -22.50
N ILE B 167 0.05 21.84 -22.61
CA ILE B 167 -0.06 20.89 -21.53
C ILE B 167 1.31 20.24 -21.33
N PRO B 168 1.53 19.56 -20.19
CA PRO B 168 2.82 18.90 -19.96
C PRO B 168 3.28 18.00 -21.10
N GLY B 169 4.52 18.23 -21.58
CA GLY B 169 5.11 17.52 -22.71
C GLY B 169 5.29 16.01 -22.53
N ASP B 170 5.46 15.58 -21.29
CA ASP B 170 5.64 14.17 -20.97
C ASP B 170 4.36 13.33 -21.15
N LEU B 171 3.19 13.98 -21.15
CA LEU B 171 1.91 13.27 -21.27
C LEU B 171 1.85 12.47 -22.55
N THR B 172 1.24 11.28 -22.47
CA THR B 172 0.94 10.48 -23.66
C THR B 172 -0.12 11.25 -24.46
N ALA B 173 0.18 11.47 -25.74
CA ALA B 173 -0.73 12.14 -26.66
C ALA B 173 -1.52 11.15 -27.49
N ALA B 174 -0.89 10.05 -27.88
CA ALA B 174 -1.53 9.07 -28.76
C ALA B 174 -0.96 7.69 -28.55
N ASN B 175 -1.72 6.85 -27.85
CA ASN B 175 -1.38 5.45 -27.67
C ASN B 175 -1.26 4.81 -29.02
N PHE B 176 -0.12 4.17 -29.28
CA PHE B 176 0.23 3.60 -30.60
C PHE B 176 0.44 4.69 -31.67
N GLY B 177 0.62 5.93 -31.25
CA GLY B 177 0.76 7.05 -32.19
C GLY B 177 2.13 7.18 -32.81
N HIS B 178 3.12 6.45 -32.27
CA HIS B 178 4.49 6.49 -32.78
C HIS B 178 4.82 5.36 -33.75
N VAL B 179 4.08 4.24 -33.70
CA VAL B 179 4.30 3.10 -34.58
C VAL B 179 4.74 3.54 -35.98
N LEU B 180 3.90 4.34 -36.65
CA LEU B 180 4.17 4.84 -38.02
C LEU B 180 5.44 5.71 -38.20
N HIS B 181 5.91 6.30 -37.11
CA HIS B 181 7.19 7.03 -37.11
C HIS B 181 8.41 6.11 -36.94
N HIS B 182 8.18 4.90 -36.46
CA HIS B 182 9.21 3.97 -36.16
C HIS B 182 8.85 2.69 -36.81
N LEU B 183 8.71 2.75 -38.11
CA LEU B 183 8.44 1.56 -38.85
C LEU B 183 9.69 0.66 -38.87
N ASP B 184 10.90 1.21 -38.75
CA ASP B 184 12.13 0.46 -38.58
C ASP B 184 12.03 -0.84 -37.79
N ALA B 185 11.80 -0.71 -36.48
CA ALA B 185 11.78 -1.80 -35.50
C ALA B 185 10.88 -2.99 -35.70
N ASP B 186 11.14 -4.01 -34.90
CA ASP B 186 10.35 -5.20 -35.03
C ASP B 186 9.04 -4.94 -34.38
N PHE B 187 9.09 -4.38 -33.17
CA PHE B 187 7.92 -4.23 -32.30
C PHE B 187 7.81 -5.57 -31.58
N THR B 188 8.51 -5.65 -30.45
CA THR B 188 8.70 -6.91 -29.74
C THR B 188 7.45 -7.18 -28.92
N PRO B 189 7.10 -8.45 -28.68
CA PRO B 189 5.92 -8.76 -27.85
C PRO B 189 5.83 -7.95 -26.54
N SER B 190 6.95 -7.85 -25.82
CA SER B 190 7.02 -7.07 -24.58
C SER B 190 6.66 -5.59 -24.77
N ASN B 191 7.22 -4.96 -25.80
CA ASN B 191 6.92 -3.56 -26.10
C ASN B 191 5.42 -3.38 -26.40
N LYS B 192 4.87 -4.28 -27.22
CA LYS B 192 3.47 -4.17 -27.63
C LYS B 192 2.51 -4.44 -26.46
N LEU B 193 2.78 -5.48 -25.67
CA LEU B 193 2.00 -5.75 -24.46
C LEU B 193 2.10 -4.64 -23.43
N ALA B 194 3.25 -3.97 -23.33
CA ALA B 194 3.40 -2.81 -22.44
C ALA B 194 2.47 -1.67 -22.86
N ALA B 195 2.33 -1.48 -24.17
CA ALA B 195 1.48 -0.42 -24.76
C ALA B 195 -0.02 -0.70 -24.64
N VAL B 196 -0.38 -1.97 -24.68
CA VAL B 196 -1.74 -2.44 -24.37
C VAL B 196 -2.14 -2.07 -22.95
N ILE B 197 -1.36 -2.55 -21.98
CA ILE B 197 -1.54 -2.26 -20.57
C ILE B 197 -1.42 -0.76 -20.33
N GLY B 198 -0.50 -0.13 -21.06
CA GLY B 198 -0.36 1.31 -21.03
C GLY B 198 -1.67 2.02 -21.35
N VAL B 199 -2.30 1.66 -22.47
CA VAL B 199 -3.54 2.34 -22.87
C VAL B 199 -4.74 2.02 -21.96
N VAL B 200 -4.90 0.76 -21.58
CA VAL B 200 -5.94 0.34 -20.65
C VAL B 200 -5.84 1.09 -19.32
N GLY B 201 -4.63 1.18 -18.79
CA GLY B 201 -4.35 1.88 -17.54
C GLY B 201 -4.60 3.37 -17.61
N GLU B 202 -4.30 3.98 -18.75
CA GLU B 202 -4.51 5.43 -18.92
C GLU B 202 -5.99 5.81 -19.09
N VAL B 203 -6.74 4.98 -19.81
CA VAL B 203 -8.17 5.23 -20.03
C VAL B 203 -8.93 5.09 -18.71
N VAL B 204 -8.57 4.08 -17.92
CA VAL B 204 -9.21 3.89 -16.62
C VAL B 204 -8.93 5.07 -15.69
N THR B 205 -7.68 5.48 -15.62
CA THR B 205 -7.28 6.56 -14.74
C THR B 205 -7.95 7.86 -15.16
N THR B 206 -7.97 8.11 -16.46
CA THR B 206 -8.62 9.29 -17.02
C THR B 206 -10.10 9.35 -16.62
N MET B 207 -10.80 8.25 -16.80
CA MET B 207 -12.19 8.15 -16.40
C MET B 207 -12.35 8.40 -14.91
N ALA B 208 -11.50 7.75 -14.11
CA ALA B 208 -11.56 7.83 -12.65
C ALA B 208 -11.21 9.22 -12.15
N ILE B 209 -10.15 9.85 -12.66
CA ILE B 209 -9.82 11.22 -12.24
C ILE B 209 -10.88 12.21 -12.68
N THR B 210 -11.53 11.96 -13.83
CA THR B 210 -12.60 12.84 -14.34
C THR B 210 -13.85 12.78 -13.49
N VAL B 211 -14.36 11.58 -13.21
CA VAL B 211 -15.50 11.43 -12.28
C VAL B 211 -15.13 11.89 -10.85
N ALA B 212 -13.88 11.72 -10.45
CA ALA B 212 -13.43 12.20 -9.14
C ALA B 212 -13.65 13.72 -9.02
N ARG B 213 -13.31 14.44 -10.08
CA ARG B 213 -13.52 15.87 -10.15
C ARG B 213 -15.00 16.19 -10.17
N GLU B 214 -15.76 15.40 -10.91
CA GLU B 214 -17.20 15.62 -11.04
C GLU B 214 -17.96 15.52 -9.71
N PHE B 215 -17.64 14.53 -8.89
CA PHE B 215 -18.29 14.34 -7.59
C PHE B 215 -17.47 14.84 -6.41
N LYS B 216 -16.43 15.62 -6.72
CA LYS B 216 -15.68 16.40 -5.74
C LYS B 216 -15.08 15.55 -4.61
N THR B 217 -14.30 14.54 -4.98
CA THR B 217 -13.50 13.73 -4.06
C THR B 217 -12.15 13.54 -4.69
N GLU B 218 -11.10 13.57 -3.88
CA GLU B 218 -9.74 13.42 -4.34
C GLU B 218 -9.26 11.98 -4.20
N ASN B 219 -10.11 11.14 -3.63
CA ASN B 219 -9.76 9.74 -3.33
C ASN B 219 -10.22 8.80 -4.42
N ILE B 220 -9.30 7.98 -4.91
CA ILE B 220 -9.63 6.98 -5.93
C ILE B 220 -9.11 5.62 -5.46
N VAL B 221 -10.02 4.71 -5.15
CA VAL B 221 -9.68 3.33 -4.84
C VAL B 221 -9.76 2.48 -6.10
N TYR B 222 -8.66 1.78 -6.41
CA TYR B 222 -8.65 0.84 -7.53
C TYR B 222 -8.79 -0.59 -7.00
N ILE B 223 -9.67 -1.39 -7.61
CA ILE B 223 -9.81 -2.83 -7.29
C ILE B 223 -10.02 -3.65 -8.57
N GLY B 224 -10.20 -4.97 -8.41
CA GLY B 224 -10.34 -5.92 -9.50
C GLY B 224 -9.06 -6.72 -9.66
N SER B 225 -9.19 -7.96 -10.14
CA SER B 225 -8.05 -8.87 -10.36
C SER B 225 -7.09 -8.46 -11.46
N SER B 226 -7.45 -7.49 -12.30
CA SER B 226 -6.58 -7.00 -13.38
C SER B 226 -5.22 -6.54 -12.89
N PHE B 227 -5.19 -6.28 -11.61
CA PHE B 227 -4.01 -5.79 -11.00
C PHE B 227 -3.07 -6.88 -10.52
N HIS B 228 -3.58 -8.10 -10.42
CA HIS B 228 -2.80 -9.18 -9.96
C HIS B 228 -1.74 -9.55 -10.95
N ASN B 229 -0.50 -9.61 -10.52
CA ASN B 229 0.65 -9.92 -11.35
C ASN B 229 0.84 -8.94 -12.49
N ASN B 230 0.57 -7.69 -12.22
CA ASN B 230 0.72 -6.65 -13.20
C ASN B 230 1.14 -5.36 -12.54
N ALA B 231 2.42 -5.31 -12.21
CA ALA B 231 3.04 -4.15 -11.59
C ALA B 231 2.95 -2.92 -12.49
N LEU B 232 3.09 -3.16 -13.79
CA LEU B 232 3.01 -2.11 -14.81
C LEU B 232 1.65 -1.46 -14.85
N LEU B 233 0.61 -2.25 -14.69
CA LEU B 233 -0.71 -1.67 -14.64
C LEU B 233 -0.88 -0.72 -13.43
N ARG B 234 -0.40 -1.09 -12.25
CA ARG B 234 -0.50 -0.24 -11.09
C ARG B 234 0.38 0.97 -11.17
N LYS B 235 1.55 0.82 -11.72
CA LYS B 235 2.48 1.90 -11.85
C LYS B 235 1.89 2.96 -12.72
N VAL B 236 1.40 2.52 -13.88
CA VAL B 236 0.70 3.41 -14.86
C VAL B 236 -0.47 4.14 -14.23
N VAL B 237 -1.38 3.36 -13.62
CA VAL B 237 -2.57 3.88 -12.92
C VAL B 237 -2.21 4.82 -11.77
N GLU B 238 -1.26 4.39 -10.94
CA GLU B 238 -0.84 5.14 -9.76
C GLU B 238 -0.12 6.44 -10.09
N ASP B 239 0.89 6.39 -10.96
CA ASP B 239 1.68 7.59 -11.34
C ASP B 239 0.78 8.68 -11.89
N TYR B 240 -0.08 8.30 -12.85
CA TYR B 240 -0.98 9.27 -13.49
C TYR B 240 -2.10 9.79 -12.57
N THR B 241 -2.60 8.98 -11.64
CA THR B 241 -3.56 9.46 -10.63
C THR B 241 -2.94 10.62 -9.83
N VAL B 242 -1.70 10.41 -9.38
CA VAL B 242 -0.97 11.40 -8.59
C VAL B 242 -0.67 12.67 -9.40
N LEU B 243 -0.24 12.48 -10.65
CA LEU B 243 0.02 13.58 -11.59
C LEU B 243 -1.12 14.60 -11.62
N ARG B 244 -2.35 14.08 -11.67
CA ARG B 244 -3.58 14.87 -11.74
C ARG B 244 -4.15 15.28 -10.37
N GLY B 245 -3.39 15.05 -9.31
CA GLY B 245 -3.69 15.58 -7.98
C GLY B 245 -4.67 14.77 -7.15
N CYS B 246 -4.82 13.49 -7.47
CA CYS B 246 -5.69 12.60 -6.72
C CYS B 246 -4.85 11.60 -5.96
N LYS B 247 -5.49 10.89 -5.05
CA LYS B 247 -4.79 9.96 -4.17
C LYS B 247 -5.25 8.52 -4.48
N PRO B 248 -4.36 7.71 -5.08
CA PRO B 248 -4.70 6.33 -5.44
C PRO B 248 -4.58 5.37 -4.27
N TYR B 249 -5.49 4.40 -4.21
CA TYR B 249 -5.44 3.33 -3.20
C TYR B 249 -5.68 1.97 -3.80
N TYR B 250 -4.77 1.04 -3.51
CA TYR B 250 -4.99 -0.37 -3.74
C TYR B 250 -5.24 -1.02 -2.39
N VAL B 251 -5.87 -2.19 -2.44
CA VAL B 251 -6.42 -2.81 -1.26
C VAL B 251 -6.10 -4.27 -1.31
N GLU B 252 -5.65 -4.80 -0.19
CA GLU B 252 -5.28 -6.21 -0.07
C GLU B 252 -6.54 -7.05 -0.17
N ASN B 253 -6.53 -8.01 -1.10
CA ASN B 253 -7.70 -8.78 -1.48
C ASN B 253 -8.83 -7.86 -1.95
N GLY B 254 -8.45 -6.78 -2.62
CA GLY B 254 -9.41 -5.84 -3.19
C GLY B 254 -10.25 -6.47 -4.29
N ALA B 255 -9.66 -7.46 -4.96
CA ALA B 255 -10.38 -8.24 -5.97
C ALA B 255 -11.48 -9.16 -5.42
N PHE B 256 -11.51 -9.35 -4.11
CA PHE B 256 -12.54 -10.14 -3.43
C PHE B 256 -13.65 -9.29 -2.79
N SER B 257 -13.62 -7.98 -3.00
CA SER B 257 -14.61 -7.04 -2.47
C SER B 257 -16.06 -7.49 -2.68
N GLY B 258 -16.35 -8.06 -3.84
CA GLY B 258 -17.69 -8.53 -4.16
C GLY B 258 -18.14 -9.75 -3.37
N ALA B 259 -17.23 -10.71 -3.20
CA ALA B 259 -17.53 -11.94 -2.48
C ALA B 259 -17.62 -11.70 -0.98
N ILE B 260 -16.84 -10.74 -0.46
CA ILE B 260 -16.92 -10.33 0.94
C ILE B 260 -18.21 -9.56 1.19
N GLY B 261 -18.51 -8.60 0.34
CA GLY B 261 -19.76 -7.83 0.44
C GLY B 261 -21.02 -8.65 0.37
N ALA B 262 -21.06 -9.66 -0.50
CA ALA B 262 -22.21 -10.59 -0.59
C ALA B 262 -22.50 -11.23 0.75
N LEU B 263 -21.43 -11.58 1.47
CA LEU B 263 -21.51 -12.18 2.80
C LEU B 263 -22.10 -11.26 3.87
N TYR B 264 -21.76 -9.97 3.81
CA TYR B 264 -22.18 -8.99 4.81
C TYR B 264 -23.64 -8.53 4.63
N LEU B 265 -24.08 -8.41 3.39
CA LEU B 265 -25.45 -7.96 3.09
C LEU B 265 -26.48 -9.03 3.51
N VAL C 3 27.00 20.80 44.59
CA VAL C 3 25.88 19.83 44.34
C VAL C 3 25.67 19.61 42.84
N GLY C 4 25.34 18.37 42.47
CA GLY C 4 24.92 17.98 41.12
C GLY C 4 23.59 17.29 41.25
N ILE C 5 22.65 17.60 40.35
CA ILE C 5 21.30 17.03 40.38
C ILE C 5 20.90 16.57 38.99
N ASP C 6 20.26 15.38 38.94
CA ASP C 6 19.64 14.83 37.74
C ASP C 6 18.17 14.65 38.08
N ALA C 7 17.34 15.59 37.64
CA ALA C 7 15.93 15.59 37.98
C ALA C 7 15.14 14.88 36.89
N GLY C 8 14.97 13.58 37.06
CA GLY C 8 14.37 12.75 36.04
C GLY C 8 12.86 12.78 36.02
N GLY C 9 12.30 11.96 35.14
CA GLY C 9 10.86 11.79 35.10
C GLY C 9 10.25 11.23 36.38
N THR C 10 11.00 10.43 37.13
CA THR C 10 10.44 9.77 38.32
C THR C 10 11.21 10.05 39.60
N LEU C 11 12.54 10.07 39.51
CA LEU C 11 13.40 10.25 40.65
C LEU C 11 14.36 11.39 40.43
N ILE C 12 14.55 12.19 41.48
CA ILE C 12 15.55 13.22 41.50
C ILE C 12 16.72 12.61 42.26
N LYS C 13 17.90 12.68 41.65
CA LYS C 13 19.12 12.12 42.18
C LYS C 13 20.02 13.29 42.50
N ILE C 14 20.50 13.35 43.74
CA ILE C 14 21.32 14.44 44.25
C ILE C 14 22.65 13.87 44.72
N VAL C 15 23.73 14.51 44.29
CA VAL C 15 25.07 14.18 44.77
C VAL C 15 25.69 15.45 45.38
N GLN C 16 26.09 15.38 46.64
CA GLN C 16 26.78 16.49 47.33
C GLN C 16 28.25 16.15 47.54
N GLU C 17 29.17 17.01 47.06
CA GLU C 17 30.61 16.74 47.15
C GLU C 17 31.29 17.66 48.17
N ARG C 22 31.65 12.38 48.91
CA ARG C 22 30.41 12.22 48.16
C ARG C 22 29.23 11.75 49.01
N THR C 23 28.06 12.33 48.72
CA THR C 23 26.80 11.98 49.36
C THR C 23 25.80 11.69 48.25
N PHE C 24 25.03 10.61 48.41
CA PHE C 24 24.07 10.17 47.39
C PHE C 24 22.67 10.14 47.98
N LYS C 25 21.79 11.02 47.50
CA LYS C 25 20.41 11.05 47.99
C LYS C 25 19.42 11.03 46.85
N THR C 26 18.41 10.18 46.99
CA THR C 26 17.30 10.09 46.04
C THR C 26 16.03 10.70 46.66
N GLU C 27 15.22 11.31 45.82
CA GLU C 27 13.94 11.88 46.23
C GLU C 27 12.96 11.74 45.07
N LEU C 28 11.69 11.49 45.39
CA LEU C 28 10.66 11.38 44.36
C LEU C 28 10.51 12.71 43.60
N THR C 29 10.32 12.59 42.29
CA THR C 29 10.09 13.74 41.42
C THR C 29 8.80 14.48 41.83
N LYS C 30 7.76 13.72 42.17
CA LYS C 30 6.51 14.31 42.67
C LYS C 30 6.64 15.13 43.96
N ASN C 31 7.73 14.93 44.70
CA ASN C 31 8.13 15.79 45.82
C ASN C 31 9.24 16.80 45.46
N ILE C 32 9.31 17.20 44.19
CA ILE C 32 10.31 18.20 43.76
C ILE C 32 10.24 19.49 44.58
N ASP C 33 9.03 19.85 45.01
CA ASP C 33 8.79 21.01 45.89
C ASP C 33 9.69 21.01 47.13
N GLN C 34 9.76 19.85 47.78
CA GLN C 34 10.64 19.65 48.94
C GLN C 34 12.15 19.71 48.63
N VAL C 35 12.54 19.44 47.37
CA VAL C 35 13.95 19.51 46.95
C VAL C 35 14.41 20.96 46.83
N VAL C 36 13.55 21.80 46.24
CA VAL C 36 13.79 23.24 46.14
C VAL C 36 13.92 23.86 47.55
N GLU C 37 12.87 23.65 48.33
CA GLU C 37 12.80 24.00 49.76
C GLU C 37 14.10 23.65 50.50
N TRP C 38 14.56 22.42 50.32
CA TRP C 38 15.82 21.93 50.89
C TRP C 38 17.07 22.62 50.32
N LEU C 39 17.07 22.83 49.00
CA LEU C 39 18.21 23.48 48.32
C LEU C 39 18.43 24.93 48.76
N ASN C 40 17.34 25.69 48.80
CA ASN C 40 17.38 27.10 49.19
C ASN C 40 17.85 27.30 50.62
N GLN C 41 17.42 26.43 51.52
CA GLN C 41 17.70 26.60 52.95
C GLN C 41 19.18 26.43 53.33
N GLN C 42 20.01 25.93 52.41
CA GLN C 42 21.43 25.77 52.67
C GLN C 42 22.22 26.10 51.39
N GLN C 43 22.92 27.23 51.42
CA GLN C 43 23.71 27.70 50.27
C GLN C 43 24.85 26.73 49.94
N ILE C 44 25.29 26.81 48.69
CA ILE C 44 26.17 25.79 48.08
C ILE C 44 27.13 26.46 47.10
N GLU C 45 28.40 26.06 47.20
CA GLU C 45 29.50 26.68 46.45
C GLU C 45 29.28 26.68 44.95
N LYS C 46 28.76 25.58 44.41
CA LYS C 46 28.33 25.52 43.01
C LYS C 46 27.27 24.46 42.79
N LEU C 47 26.36 24.76 41.85
CA LEU C 47 25.22 23.92 41.55
C LEU C 47 25.23 23.61 40.05
N CYS C 48 24.95 22.35 39.72
CA CYS C 48 24.84 21.92 38.33
C CYS C 48 23.61 21.05 38.19
N LEU C 49 22.90 21.21 37.08
CA LEU C 49 21.62 20.53 36.88
C LEU C 49 21.58 19.77 35.56
N THR C 50 20.78 18.71 35.55
CA THR C 50 20.46 17.97 34.34
C THR C 50 19.18 17.17 34.51
N GLY C 51 18.65 16.70 33.38
CA GLY C 51 17.39 15.96 33.38
C GLY C 51 16.20 16.78 32.90
N GLY C 52 15.05 16.13 32.80
CA GLY C 52 13.83 16.73 32.29
C GLY C 52 13.26 17.85 33.14
N ASN C 53 13.37 17.70 34.45
CA ASN C 53 12.89 18.68 35.44
C ASN C 53 14.01 19.59 35.98
N ALA C 54 15.06 19.81 35.20
CA ALA C 54 16.13 20.74 35.59
C ALA C 54 15.64 22.19 35.62
N GLY C 55 14.79 22.54 34.66
CA GLY C 55 14.21 23.89 34.55
C GLY C 55 13.30 24.24 35.71
N VAL C 56 12.38 23.32 36.03
CA VAL C 56 11.47 23.46 37.19
C VAL C 56 12.25 23.83 38.45
N ILE C 57 13.44 23.26 38.61
CA ILE C 57 14.35 23.59 39.72
C ILE C 57 15.00 24.95 39.48
N ALA C 58 15.66 25.14 38.33
CA ALA C 58 16.39 26.37 38.02
C ALA C 58 15.61 27.68 38.23
N GLU C 59 14.33 27.66 37.87
CA GLU C 59 13.43 28.82 37.96
C GLU C 59 12.86 29.03 39.39
N ASN C 60 12.76 27.96 40.18
CA ASN C 60 12.34 28.03 41.60
C ASN C 60 13.49 28.16 42.62
N ILE C 61 14.67 28.59 42.16
CA ILE C 61 15.88 28.65 42.99
C ILE C 61 16.59 30.00 42.79
N ASN C 62 17.47 30.30 43.74
CA ASN C 62 18.29 31.52 43.74
C ASN C 62 19.55 31.58 42.85
N ILE C 63 20.45 30.61 42.98
CA ILE C 63 21.81 30.69 42.38
C ILE C 63 21.88 30.14 40.92
N PRO C 64 22.71 30.77 40.04
CA PRO C 64 22.95 30.43 38.62
C PRO C 64 23.57 29.03 38.45
N ALA C 65 22.72 28.01 38.56
CA ALA C 65 23.16 26.64 38.35
C ALA C 65 23.20 26.34 36.87
N GLN C 66 24.34 25.80 36.43
CA GLN C 66 24.52 25.41 35.04
C GLN C 66 23.65 24.19 34.71
N ILE C 67 23.17 24.15 33.47
CA ILE C 67 22.27 23.11 33.01
C ILE C 67 22.94 22.43 31.81
N PHE C 68 23.10 21.11 31.92
CA PHE C 68 23.72 20.30 30.87
C PHE C 68 22.73 19.29 30.29
N VAL C 69 23.03 18.81 29.09
CA VAL C 69 22.20 17.80 28.43
C VAL C 69 22.45 16.47 29.16
N GLU C 70 21.39 15.81 29.62
CA GLU C 70 21.51 14.58 30.42
C GLU C 70 22.33 13.44 29.80
N PHE C 71 22.30 13.34 28.47
CA PHE C 71 23.09 12.35 27.75
C PHE C 71 24.59 12.55 27.93
N ASP C 72 25.04 13.79 27.76
CA ASP C 72 26.45 14.16 27.96
C ASP C 72 26.90 14.00 29.40
N ALA C 73 26.02 14.30 30.35
CA ALA C 73 26.30 14.17 31.78
C ALA C 73 26.41 12.69 32.19
N ALA C 74 25.34 11.92 31.91
CA ALA C 74 25.34 10.46 32.15
C ALA C 74 26.65 9.80 31.70
N SER C 75 27.10 10.14 30.49
CA SER C 75 28.37 9.61 29.95
C SER C 75 29.62 10.06 30.71
N GLN C 76 29.62 11.30 31.21
CA GLN C 76 30.77 11.84 31.93
C GLN C 76 30.87 11.26 33.32
N GLY C 77 29.71 11.11 33.98
CA GLY C 77 29.65 10.49 35.28
C GLY C 77 29.96 9.00 35.25
N LEU C 78 29.46 8.30 34.22
CA LEU C 78 29.67 6.87 34.11
C LEU C 78 31.13 6.56 33.90
N GLY C 79 31.80 7.32 33.05
CA GLY C 79 33.25 7.16 32.83
C GLY C 79 34.06 7.25 34.12
N ILE C 80 33.61 8.15 35.00
CA ILE C 80 34.19 8.37 36.32
C ILE C 80 33.87 7.24 37.27
N LEU C 81 32.62 6.84 37.31
CA LEU C 81 32.24 5.70 38.13
C LEU C 81 33.03 4.44 37.74
N LEU C 82 33.15 4.18 36.44
CA LEU C 82 33.91 3.03 35.91
C LEU C 82 35.38 3.02 36.32
N LYS C 83 36.03 4.19 36.28
CA LYS C 83 37.44 4.33 36.68
C LYS C 83 37.63 4.08 38.16
N GLU C 84 36.74 4.67 38.97
CA GLU C 84 36.77 4.48 40.41
C GLU C 84 36.55 3.04 40.83
N GLN C 85 35.75 2.32 40.05
CA GLN C 85 35.44 0.91 40.32
C GLN C 85 36.28 -0.08 39.49
N GLY C 86 37.44 0.37 39.00
CA GLY C 86 38.48 -0.52 38.48
C GLY C 86 38.35 -1.06 37.07
N HIS C 87 37.34 -0.60 36.32
CA HIS C 87 37.17 -0.98 34.92
C HIS C 87 37.96 0.02 34.06
N ASP C 88 38.66 -0.52 33.05
CA ASP C 88 39.29 0.28 31.99
C ASP C 88 38.77 -0.23 30.65
N LEU C 89 37.60 0.25 30.27
CA LEU C 89 36.96 -0.16 29.03
C LEU C 89 37.30 0.87 27.96
N ALA C 90 37.83 0.38 26.84
CA ALA C 90 38.18 1.24 25.70
C ALA C 90 36.92 1.84 25.07
N ASP C 91 35.92 1.00 24.85
CA ASP C 91 34.62 1.43 24.32
C ASP C 91 33.50 0.59 24.90
N TYR C 92 32.27 1.07 24.74
CA TYR C 92 31.09 0.37 25.24
C TYR C 92 29.81 1.03 24.79
N ILE C 93 28.76 0.23 24.75
CA ILE C 93 27.39 0.72 24.81
C ILE C 93 27.11 0.98 26.29
N PHE C 94 26.30 2.01 26.57
CA PHE C 94 25.62 2.08 27.83
C PHE C 94 24.12 2.29 27.60
N ALA C 95 23.34 1.74 28.53
CA ALA C 95 21.89 1.65 28.43
C ALA C 95 21.36 2.21 29.73
N ASN C 96 20.76 3.38 29.61
CA ASN C 96 20.24 4.12 30.74
C ASN C 96 18.81 3.70 30.89
N VAL C 97 18.56 2.75 31.79
CA VAL C 97 17.20 2.23 32.02
C VAL C 97 16.48 3.02 33.12
N GLY C 98 15.85 4.11 32.70
CA GLY C 98 15.14 5.00 33.61
C GLY C 98 13.65 4.82 33.52
N THR C 99 12.93 5.94 33.54
CA THR C 99 11.45 5.92 33.38
C THR C 99 11.19 5.30 32.01
N GLY C 100 11.99 5.75 31.04
CA GLY C 100 12.15 5.11 29.74
C GLY C 100 13.61 4.79 29.56
N THR C 101 14.01 4.52 28.34
CA THR C 101 15.35 3.99 28.10
C THR C 101 16.03 4.63 26.90
N SER C 102 17.31 4.92 27.08
CA SER C 102 18.15 5.65 26.14
C SER C 102 19.43 4.85 25.98
N LEU C 103 19.81 4.57 24.73
CA LEU C 103 20.99 3.74 24.45
C LEU C 103 22.07 4.53 23.77
N HIS C 104 23.29 4.37 24.27
CA HIS C 104 24.41 5.21 23.88
C HIS C 104 25.61 4.37 23.54
N TYR C 105 26.36 4.81 22.54
CA TYR C 105 27.66 4.22 22.22
C TYR C 105 28.72 5.24 22.62
N PHE C 106 29.63 4.80 23.48
CA PHE C 106 30.75 5.58 23.91
C PHE C 106 31.99 4.98 23.22
N ASP C 107 32.67 5.81 22.41
CA ASP C 107 33.74 5.33 21.52
C ASP C 107 35.15 5.35 22.14
N GLY C 108 35.24 5.81 23.38
CA GLY C 108 36.52 6.06 24.05
C GLY C 108 36.71 7.54 24.33
N GLN C 109 36.09 8.40 23.52
CA GLN C 109 36.23 9.86 23.65
C GLN C 109 34.92 10.50 24.06
N SER C 110 33.88 10.34 23.25
CA SER C 110 32.57 10.92 23.54
C SER C 110 31.46 9.89 23.39
N GLN C 111 30.25 10.27 23.81
CA GLN C 111 29.06 9.44 23.60
C GLN C 111 28.27 9.90 22.39
N ARG C 112 27.43 8.99 21.91
CA ARG C 112 26.47 9.25 20.86
C ARG C 112 25.23 8.45 21.21
N ARG C 113 24.05 9.06 21.11
CA ARG C 113 22.81 8.34 21.29
C ARG C 113 22.55 7.52 20.03
N VAL C 114 22.41 6.21 20.22
CA VAL C 114 22.18 5.28 19.11
C VAL C 114 20.76 4.70 19.06
N GLY C 115 19.95 5.04 20.07
CA GLY C 115 18.51 4.76 20.05
C GLY C 115 17.92 4.85 21.45
N GLY C 116 16.66 4.49 21.55
CA GLY C 116 15.97 4.41 22.81
C GLY C 116 14.62 3.74 22.62
N ILE C 117 13.99 3.36 23.72
CA ILE C 117 12.72 2.64 23.68
C ILE C 117 12.00 2.94 24.99
N GLY C 118 10.68 3.03 24.95
CA GLY C 118 9.89 3.28 26.14
C GLY C 118 9.60 2.08 27.02
N THR C 119 10.37 0.99 26.87
CA THR C 119 10.34 -0.14 27.81
C THR C 119 11.43 0.06 28.86
N GLY C 120 11.00 0.24 30.10
CA GLY C 120 11.91 0.50 31.21
C GLY C 120 11.12 0.58 32.50
N GLY C 121 11.62 1.35 33.46
CA GLY C 121 11.02 1.47 34.80
C GLY C 121 9.60 2.02 34.88
N GLY C 122 9.27 2.96 34.01
CA GLY C 122 7.91 3.51 33.90
C GLY C 122 6.89 2.45 33.51
N MET C 123 7.31 1.54 32.63
CA MET C 123 6.49 0.40 32.23
C MET C 123 6.36 -0.63 33.31
N ILE C 124 7.43 -0.89 34.07
CA ILE C 124 7.37 -1.85 35.18
C ILE C 124 6.37 -1.36 36.23
N GLN C 125 6.47 -0.08 36.58
CA GLN C 125 5.50 0.51 37.48
C GLN C 125 4.07 0.52 36.92
N GLY C 126 3.89 1.12 35.74
CA GLY C 126 2.57 1.33 35.15
C GLY C 126 1.82 0.07 34.78
N LEU C 127 2.42 -0.74 33.89
CA LEU C 127 1.81 -2.03 33.56
C LEU C 127 1.70 -2.91 34.79
N GLY C 128 2.67 -2.78 35.69
CA GLY C 128 2.71 -3.57 36.92
C GLY C 128 1.48 -3.28 37.76
N TYR C 129 1.23 -1.99 38.00
CA TYR C 129 -0.01 -1.55 38.63
C TYR C 129 -1.24 -2.13 37.95
N LEU C 130 -1.34 -1.93 36.63
CA LEU C 130 -2.52 -2.39 35.87
C LEU C 130 -2.76 -3.90 36.00
N LEU C 131 -1.72 -4.67 36.31
CA LEU C 131 -1.86 -6.12 36.53
C LEU C 131 -1.94 -6.55 38.00
N SER C 132 -1.67 -5.64 38.94
CA SER C 132 -1.68 -5.99 40.37
C SER C 132 -2.31 -4.99 41.37
N GLN C 133 -2.72 -3.80 40.91
CA GLN C 133 -3.22 -2.70 41.76
C GLN C 133 -2.17 -2.10 42.74
N ILE C 134 -0.93 -2.59 42.70
CA ILE C 134 0.14 -2.18 43.63
C ILE C 134 0.86 -0.95 43.12
N THR C 135 0.83 0.10 43.94
CA THR C 135 1.41 1.41 43.64
C THR C 135 2.77 1.64 44.31
N ASP C 136 3.05 0.92 45.40
CA ASP C 136 4.32 1.03 46.13
C ASP C 136 5.40 0.29 45.35
N TYR C 137 6.43 1.03 44.93
CA TYR C 137 7.51 0.47 44.11
C TYR C 137 8.25 -0.69 44.76
N LYS C 138 8.51 -0.55 46.06
CA LYS C 138 9.24 -1.57 46.80
C LYS C 138 8.41 -2.88 46.94
N GLN C 139 7.10 -2.77 47.12
CA GLN C 139 6.21 -3.95 47.26
C GLN C 139 6.06 -4.69 45.94
N LEU C 140 5.92 -3.93 44.87
CA LEU C 140 5.75 -4.44 43.53
C LEU C 140 6.99 -5.24 43.06
N THR C 141 8.16 -4.60 43.12
CA THR C 141 9.40 -5.26 42.70
C THR C 141 9.73 -6.48 43.57
N ASP C 142 9.48 -6.39 44.87
CA ASP C 142 9.58 -7.57 45.78
C ASP C 142 8.58 -8.67 45.41
N MET C 143 7.35 -8.27 45.09
CA MET C 143 6.28 -9.21 44.70
C MET C 143 6.65 -10.03 43.47
N ALA C 144 7.37 -9.39 42.55
CA ALA C 144 7.82 -10.02 41.31
C ALA C 144 8.92 -11.06 41.49
N GLN C 145 9.79 -10.89 42.48
CA GLN C 145 11.09 -11.56 42.51
C GLN C 145 11.07 -13.07 42.39
N HIS C 146 10.05 -13.71 42.95
CA HIS C 146 9.98 -15.18 42.95
C HIS C 146 8.78 -15.70 42.18
N GLY C 147 8.24 -14.82 41.34
CA GLY C 147 7.24 -15.17 40.36
C GLY C 147 7.77 -16.18 39.38
N ASP C 148 6.83 -16.85 38.72
CA ASP C 148 7.10 -17.96 37.81
C ASP C 148 6.45 -17.58 36.49
N ARG C 149 7.22 -17.65 35.41
CA ARG C 149 6.75 -17.19 34.12
C ARG C 149 6.23 -18.33 33.24
N ASN C 150 6.41 -19.58 33.66
CA ASN C 150 6.06 -20.76 32.84
C ASN C 150 4.67 -20.75 32.17
N THR C 151 3.63 -20.40 32.93
CA THR C 151 2.24 -20.33 32.43
C THR C 151 1.90 -19.07 31.61
N ILE C 152 2.77 -18.07 31.61
CA ILE C 152 2.57 -16.80 30.91
C ILE C 152 3.35 -16.76 29.59
N ASP C 153 4.68 -16.98 29.64
CA ASP C 153 5.58 -16.83 28.48
C ASP C 153 5.65 -18.11 27.64
N LEU C 154 5.81 -17.90 26.33
CA LEU C 154 5.89 -18.97 25.35
C LEU C 154 7.32 -19.02 24.82
N LYS C 155 8.01 -20.14 25.01
CA LYS C 155 9.35 -20.36 24.49
C LYS C 155 9.34 -20.87 23.05
N VAL C 156 10.53 -20.87 22.46
CA VAL C 156 10.73 -21.32 21.08
C VAL C 156 10.43 -22.81 20.99
N ARG C 157 10.85 -23.57 21.98
CA ARG C 157 10.59 -25.02 22.02
C ARG C 157 9.10 -25.37 22.14
N HIS C 158 8.26 -24.45 22.60
CA HIS C 158 6.81 -24.70 22.66
C HIS C 158 6.17 -24.60 21.29
N ILE C 159 6.57 -23.60 20.51
CA ILE C 159 6.11 -23.47 19.12
C ILE C 159 6.62 -24.65 18.29
N TYR C 160 7.87 -25.05 18.54
CA TYR C 160 8.55 -26.09 17.76
C TYR C 160 8.51 -27.45 18.45
N LYS C 161 7.31 -27.95 18.66
CA LYS C 161 7.15 -29.19 19.41
C LYS C 161 7.74 -30.46 18.76
N ASP C 162 7.33 -30.73 17.53
CA ASP C 162 7.77 -31.95 16.86
C ASP C 162 8.99 -31.70 15.98
N THR C 163 9.33 -30.44 15.75
CA THR C 163 10.40 -30.06 14.84
C THR C 163 11.65 -29.62 15.64
N GLU C 164 12.81 -29.73 15.00
CA GLU C 164 14.04 -29.11 15.51
C GLU C 164 14.00 -27.62 15.17
N PRO C 165 14.15 -26.75 16.19
CA PRO C 165 14.07 -25.31 15.90
C PRO C 165 15.35 -24.70 15.28
N PRO C 166 15.21 -23.63 14.47
CA PRO C 166 16.36 -22.97 13.85
C PRO C 166 17.08 -21.95 14.75
N ILE C 167 16.55 -21.70 15.94
CA ILE C 167 17.23 -20.91 16.98
C ILE C 167 17.03 -21.65 18.32
N PRO C 168 17.87 -21.34 19.35
CA PRO C 168 17.76 -22.02 20.65
C PRO C 168 16.33 -22.02 21.22
N GLY C 169 15.85 -23.21 21.57
CA GLY C 169 14.51 -23.46 22.07
C GLY C 169 14.18 -22.82 23.40
N ASP C 170 15.20 -22.62 24.23
CA ASP C 170 15.00 -21.95 25.48
C ASP C 170 14.72 -20.44 25.35
N LEU C 171 14.98 -19.85 24.18
CA LEU C 171 14.65 -18.43 23.98
C LEU C 171 13.17 -18.19 24.26
N THR C 172 12.85 -17.00 24.76
CA THR C 172 11.48 -16.52 24.81
C THR C 172 11.11 -16.24 23.36
N ALA C 173 9.93 -16.72 22.98
CA ALA C 173 9.36 -16.54 21.64
C ALA C 173 8.33 -15.44 21.63
N ALA C 174 7.43 -15.49 22.60
CA ALA C 174 6.31 -14.57 22.74
C ALA C 174 6.05 -14.35 24.24
N ASN C 175 6.33 -13.12 24.69
CA ASN C 175 5.97 -12.67 26.00
C ASN C 175 4.44 -12.67 26.17
N PHE C 176 3.95 -13.25 27.27
CA PHE C 176 2.52 -13.45 27.47
C PHE C 176 1.84 -14.43 26.48
N GLY C 177 2.60 -15.04 25.58
CA GLY C 177 2.00 -15.83 24.52
C GLY C 177 1.51 -17.23 24.94
N HIS C 178 1.75 -17.60 26.21
CA HIS C 178 1.22 -18.86 26.79
C HIS C 178 -0.09 -18.66 27.56
N VAL C 179 -0.40 -17.42 27.93
CA VAL C 179 -1.62 -17.10 28.66
C VAL C 179 -2.84 -17.85 28.11
N LEU C 180 -3.10 -17.74 26.81
CA LEU C 180 -4.27 -18.40 26.21
C LEU C 180 -4.23 -19.94 26.24
N HIS C 181 -3.07 -20.50 26.48
CA HIS C 181 -2.91 -21.90 26.63
C HIS C 181 -3.10 -22.35 28.08
N HIS C 182 -3.25 -21.41 28.99
CA HIS C 182 -3.43 -21.71 30.40
C HIS C 182 -4.58 -20.95 30.95
N LEU C 183 -5.64 -20.91 30.19
CA LEU C 183 -6.84 -20.20 30.60
C LEU C 183 -7.50 -20.59 31.93
N ASP C 184 -7.69 -21.87 32.24
CA ASP C 184 -8.28 -22.22 33.52
C ASP C 184 -7.13 -22.34 34.49
N ALA C 185 -6.70 -21.20 35.00
CA ALA C 185 -5.59 -21.05 35.87
C ALA C 185 -5.58 -19.63 36.43
N ASP C 186 -4.96 -19.49 37.56
CA ASP C 186 -4.93 -18.25 38.22
C ASP C 186 -3.66 -17.55 37.88
N PHE C 187 -3.74 -16.43 37.24
CA PHE C 187 -2.52 -15.73 36.99
C PHE C 187 -2.35 -14.81 38.18
N THR C 188 -1.47 -15.22 39.08
CA THR C 188 -1.21 -14.54 40.32
C THR C 188 -0.40 -13.29 40.12
N PRO C 189 -0.47 -12.35 41.04
CA PRO C 189 0.31 -11.11 40.87
C PRO C 189 1.83 -11.29 40.69
N SER C 190 2.41 -12.29 41.34
CA SER C 190 3.86 -12.56 41.27
C SER C 190 4.29 -13.06 39.90
N ASN C 191 3.59 -14.07 39.41
CA ASN C 191 3.79 -14.58 38.07
C ASN C 191 3.67 -13.50 37.00
N LYS C 192 2.63 -12.68 37.10
CA LYS C 192 2.37 -11.61 36.14
C LYS C 192 3.40 -10.49 36.23
N LEU C 193 3.80 -10.13 37.45
CA LEU C 193 4.85 -9.11 37.63
C LEU C 193 6.25 -9.57 37.16
N ALA C 194 6.53 -10.87 37.33
CA ALA C 194 7.73 -11.47 36.81
C ALA C 194 7.79 -11.40 35.28
N ALA C 195 6.63 -11.58 34.62
CA ALA C 195 6.52 -11.48 33.15
C ALA C 195 6.66 -10.04 32.59
N VAL C 196 6.17 -9.05 33.33
CA VAL C 196 6.34 -7.63 33.00
C VAL C 196 7.80 -7.26 33.00
N ILE C 197 8.49 -7.64 34.07
CA ILE C 197 9.92 -7.38 34.24
C ILE C 197 10.69 -8.17 33.21
N GLY C 198 10.32 -9.44 33.08
CA GLY C 198 10.79 -10.30 31.99
C GLY C 198 10.79 -9.66 30.60
N VAL C 199 9.64 -9.15 30.15
CA VAL C 199 9.54 -8.52 28.83
C VAL C 199 10.32 -7.20 28.78
N VAL C 200 10.27 -6.41 29.85
CA VAL C 200 11.06 -5.17 29.87
C VAL C 200 12.57 -5.46 29.78
N GLY C 201 13.03 -6.44 30.55
CA GLY C 201 14.44 -6.81 30.57
C GLY C 201 14.94 -7.34 29.24
N GLU C 202 14.09 -8.08 28.56
CA GLU C 202 14.43 -8.68 27.30
C GLU C 202 14.48 -7.67 26.17
N VAL C 203 13.57 -6.70 26.17
CA VAL C 203 13.56 -5.66 25.13
C VAL C 203 14.79 -4.74 25.25
N VAL C 204 15.15 -4.41 26.48
CA VAL C 204 16.30 -3.54 26.74
C VAL C 204 17.60 -4.23 26.34
N THR C 205 17.67 -5.53 26.61
CA THR C 205 18.83 -6.32 26.28
C THR C 205 18.98 -6.45 24.79
N THR C 206 17.90 -6.80 24.13
CA THR C 206 17.91 -6.96 22.68
C THR C 206 18.37 -5.67 22.00
N MET C 207 17.81 -4.55 22.45
CA MET C 207 18.21 -3.26 21.89
C MET C 207 19.68 -3.04 22.11
N ALA C 208 20.11 -3.25 23.35
CA ALA C 208 21.51 -3.12 23.76
C ALA C 208 22.52 -3.96 22.96
N ILE C 209 22.28 -5.27 22.88
CA ILE C 209 23.14 -6.16 22.13
C ILE C 209 23.16 -5.88 20.62
N THR C 210 22.05 -5.40 20.09
CA THR C 210 21.97 -5.07 18.67
C THR C 210 22.86 -3.87 18.31
N VAL C 211 22.75 -2.78 19.08
CA VAL C 211 23.63 -1.64 18.85
C VAL C 211 25.07 -1.99 19.24
N ALA C 212 25.26 -2.93 20.17
CA ALA C 212 26.62 -3.40 20.49
C ALA C 212 27.30 -4.05 19.28
N ARG C 213 26.54 -4.85 18.54
CA ARG C 213 27.03 -5.48 17.30
C ARG C 213 27.28 -4.44 16.21
N GLU C 214 26.36 -3.53 16.08
CA GLU C 214 26.45 -2.48 15.13
C GLU C 214 27.74 -1.65 15.33
N PHE C 215 28.02 -1.24 16.54
CA PHE C 215 29.18 -0.42 16.81
C PHE C 215 30.44 -1.15 17.19
N LYS C 216 30.40 -2.45 17.00
CA LYS C 216 31.52 -3.31 17.22
C LYS C 216 32.15 -3.33 18.55
N THR C 217 31.33 -3.32 19.55
CA THR C 217 31.80 -3.42 20.90
C THR C 217 31.11 -4.59 21.61
N GLU C 218 31.82 -5.30 22.45
CA GLU C 218 31.24 -6.38 23.22
C GLU C 218 30.84 -5.92 24.63
N ASN C 219 31.21 -4.69 25.01
CA ASN C 219 30.93 -4.18 26.35
C ASN C 219 29.56 -3.49 26.40
N ILE C 220 28.77 -3.81 27.42
CA ILE C 220 27.45 -3.19 27.64
C ILE C 220 27.28 -2.86 29.12
N VAL C 221 27.36 -1.56 29.43
CA VAL C 221 27.17 -1.04 30.78
C VAL C 221 25.69 -0.64 30.96
N TYR C 222 25.06 -1.19 32.01
CA TYR C 222 23.65 -0.94 32.29
C TYR C 222 23.57 0.01 33.47
N ILE C 223 22.77 1.05 33.33
CA ILE C 223 22.58 1.99 34.45
C ILE C 223 21.12 2.38 34.57
N GLY C 224 20.82 3.14 35.60
CA GLY C 224 19.47 3.64 35.88
C GLY C 224 18.95 3.03 37.16
N SER C 225 17.93 3.67 37.71
CA SER C 225 17.36 3.23 38.97
C SER C 225 16.36 2.07 38.84
N SER C 226 15.96 1.74 37.61
CA SER C 226 15.14 0.55 37.35
C SER C 226 15.74 -0.73 37.96
N PHE C 227 17.05 -0.75 38.13
CA PHE C 227 17.77 -1.86 38.75
C PHE C 227 17.78 -1.91 40.29
N HIS C 228 17.39 -0.81 40.98
CA HIS C 228 17.29 -0.81 42.44
C HIS C 228 16.15 -1.70 42.92
N ASN C 229 16.42 -2.55 43.89
CA ASN C 229 15.42 -3.48 44.45
C ASN C 229 14.81 -4.39 43.38
N ASN C 230 15.59 -4.80 42.38
CA ASN C 230 15.07 -5.67 41.33
C ASN C 230 16.18 -6.56 40.78
N ALA C 231 16.53 -7.55 41.60
CA ALA C 231 17.48 -8.60 41.24
C ALA C 231 17.03 -9.38 40.02
N LEU C 232 15.74 -9.63 39.89
CA LEU C 232 15.21 -10.33 38.71
C LEU C 232 15.53 -9.56 37.42
N LEU C 233 15.33 -8.25 37.41
CA LEU C 233 15.66 -7.44 36.23
C LEU C 233 17.14 -7.56 35.88
N ARG C 234 18.00 -7.49 36.87
CA ARG C 234 19.42 -7.69 36.66
C ARG C 234 19.77 -9.07 36.12
N LYS C 235 19.25 -10.11 36.76
CA LYS C 235 19.48 -11.48 36.27
C LYS C 235 19.00 -11.64 34.82
N VAL C 236 17.77 -11.20 34.52
CA VAL C 236 17.22 -11.26 33.17
C VAL C 236 18.16 -10.55 32.18
N VAL C 237 18.48 -9.28 32.46
CA VAL C 237 19.35 -8.51 31.57
C VAL C 237 20.68 -9.20 31.44
N GLU C 238 21.27 -9.58 32.56
CA GLU C 238 22.60 -10.18 32.58
C GLU C 238 22.71 -11.50 31.85
N ASP C 239 21.81 -12.45 32.14
CA ASP C 239 21.93 -13.79 31.52
C ASP C 239 21.87 -13.67 30.01
N TYR C 240 20.85 -13.00 29.52
CA TYR C 240 20.68 -12.87 28.10
C TYR C 240 21.78 -12.04 27.45
N THR C 241 22.35 -11.03 28.12
CA THR C 241 23.48 -10.29 27.52
C THR C 241 24.66 -11.26 27.28
N VAL C 242 25.00 -12.00 28.32
CA VAL C 242 26.01 -13.08 28.24
C VAL C 242 25.68 -14.08 27.14
N LEU C 243 24.41 -14.51 27.07
CA LEU C 243 23.95 -15.47 26.05
C LEU C 243 24.25 -14.96 24.62
N ARG C 244 24.16 -13.64 24.43
CA ARG C 244 24.48 -13.01 23.14
C ARG C 244 25.95 -12.55 23.00
N GLY C 245 26.86 -13.19 23.73
CA GLY C 245 28.29 -12.95 23.58
C GLY C 245 28.84 -11.61 24.02
N CYS C 246 28.06 -10.83 24.77
CA CYS C 246 28.48 -9.50 25.23
C CYS C 246 28.73 -9.57 26.71
N LYS C 247 29.36 -8.55 27.26
CA LYS C 247 29.83 -8.57 28.64
C LYS C 247 29.09 -7.49 29.37
N PRO C 248 28.16 -7.87 30.26
CA PRO C 248 27.36 -6.91 30.99
C PRO C 248 28.09 -6.32 32.18
N TYR C 249 27.81 -5.07 32.49
CA TYR C 249 28.36 -4.40 33.66
C TYR C 249 27.27 -3.62 34.39
N TYR C 250 27.20 -3.79 35.70
CA TYR C 250 26.47 -2.88 36.60
C TYR C 250 27.53 -2.09 37.31
N VAL C 251 27.15 -0.95 37.87
CA VAL C 251 28.11 -0.14 38.58
C VAL C 251 27.45 0.50 39.81
N GLU C 252 28.18 0.51 40.94
CA GLU C 252 27.70 1.15 42.17
C GLU C 252 27.39 2.61 41.91
N ASN C 253 26.19 3.03 42.33
CA ASN C 253 25.66 4.38 42.11
C ASN C 253 25.55 4.78 40.65
N GLY C 254 25.44 3.79 39.77
CA GLY C 254 25.34 4.05 38.33
C GLY C 254 24.09 4.82 37.96
N ALA C 255 23.06 4.72 38.80
CA ALA C 255 21.87 5.58 38.68
C ALA C 255 22.13 7.07 39.00
N PHE C 256 23.24 7.37 39.66
CA PHE C 256 23.70 8.75 39.91
C PHE C 256 24.70 9.27 38.88
N SER C 257 24.87 8.54 37.77
CA SER C 257 25.85 8.91 36.74
C SER C 257 25.61 10.33 36.21
N GLY C 258 24.36 10.65 35.91
CA GLY C 258 24.00 11.99 35.45
C GLY C 258 24.35 13.10 36.44
N ALA C 259 23.91 12.96 37.69
CA ALA C 259 24.20 13.93 38.74
C ALA C 259 25.70 14.16 38.92
N ILE C 260 26.48 13.07 38.96
CA ILE C 260 27.94 13.20 39.07
C ILE C 260 28.51 13.94 37.87
N GLY C 261 28.05 13.58 36.67
CA GLY C 261 28.53 14.18 35.42
C GLY C 261 28.24 15.66 35.28
N ALA C 262 27.06 16.09 35.74
CA ALA C 262 26.72 17.52 35.84
C ALA C 262 27.78 18.33 36.60
N LEU C 263 28.26 17.78 37.73
CA LEU C 263 29.32 18.42 38.53
C LEU C 263 30.68 18.51 37.83
N TYR C 264 31.06 17.47 37.09
CA TYR C 264 32.37 17.45 36.44
C TYR C 264 32.46 18.39 35.23
N LEU C 265 31.39 18.47 34.44
CA LEU C 265 31.37 19.31 33.22
C LEU C 265 31.50 20.81 33.51
N VAL D 3 -4.46 33.49 -45.20
CA VAL D 3 -4.25 32.01 -44.98
C VAL D 3 -4.12 31.67 -43.48
N GLY D 4 -4.72 30.54 -43.09
CA GLY D 4 -4.63 30.00 -41.74
C GLY D 4 -4.16 28.56 -41.82
N ILE D 5 -3.32 28.15 -40.86
CA ILE D 5 -2.76 26.78 -40.84
C ILE D 5 -2.78 26.18 -39.44
N ASP D 6 -3.30 24.95 -39.36
CA ASP D 6 -3.21 24.11 -38.18
C ASP D 6 -2.26 22.98 -38.51
N ALA D 7 -1.03 23.08 -38.02
CA ALA D 7 0.00 22.09 -38.32
C ALA D 7 0.02 21.04 -37.20
N GLY D 8 -0.72 19.97 -37.41
CA GLY D 8 -0.94 18.96 -36.39
C GLY D 8 0.14 17.91 -36.30
N GLY D 9 -0.07 16.93 -35.43
CA GLY D 9 0.82 15.80 -35.28
C GLY D 9 0.83 14.87 -36.49
N THR D 10 -0.27 14.81 -37.24
CA THR D 10 -0.34 13.96 -38.43
C THR D 10 -0.66 14.73 -39.69
N LEU D 11 -1.63 15.63 -39.63
CA LEU D 11 -2.03 16.40 -40.81
C LEU D 11 -1.88 17.89 -40.62
N ILE D 12 -1.48 18.56 -41.70
CA ILE D 12 -1.46 20.02 -41.79
C ILE D 12 -2.72 20.43 -42.55
N LYS D 13 -3.55 21.27 -41.94
CA LYS D 13 -4.76 21.78 -42.56
C LYS D 13 -4.52 23.22 -42.95
N ILE D 14 -4.80 23.53 -44.21
CA ILE D 14 -4.60 24.85 -44.73
C ILE D 14 -5.96 25.38 -45.18
N VAL D 15 -6.25 26.63 -44.81
CA VAL D 15 -7.41 27.36 -45.31
C VAL D 15 -6.93 28.67 -45.93
N GLN D 16 -7.25 28.89 -47.21
CA GLN D 16 -6.99 30.15 -47.90
C GLN D 16 -8.28 30.94 -48.11
N GLU D 17 -8.32 32.20 -47.68
CA GLU D 17 -9.50 33.05 -47.84
C GLU D 17 -9.28 34.16 -48.86
N ARG D 22 -13.45 30.59 -49.55
CA ARG D 22 -12.62 29.64 -48.79
C ARG D 22 -12.10 28.49 -49.65
N THR D 23 -10.92 28.01 -49.29
CA THR D 23 -10.23 26.93 -49.98
C THR D 23 -9.65 25.99 -48.92
N PHE D 24 -10.05 24.73 -48.92
CA PHE D 24 -9.63 23.77 -47.89
C PHE D 24 -8.63 22.76 -48.44
N LYS D 25 -7.41 22.75 -47.89
CA LYS D 25 -6.35 21.83 -48.32
C LYS D 25 -5.79 21.06 -47.14
N THR D 26 -5.59 19.76 -47.35
CA THR D 26 -4.86 18.89 -46.40
C THR D 26 -3.53 18.45 -46.98
N GLU D 27 -2.54 18.34 -46.11
CA GLU D 27 -1.22 17.83 -46.47
C GLU D 27 -0.66 17.04 -45.28
N LEU D 28 0.17 16.03 -45.58
CA LEU D 28 0.80 15.24 -44.53
C LEU D 28 1.81 16.09 -43.77
N THR D 29 1.81 15.96 -42.44
CA THR D 29 2.80 16.61 -41.58
C THR D 29 4.22 16.17 -41.92
N LYS D 30 4.39 14.90 -42.32
CA LYS D 30 5.70 14.41 -42.74
C LYS D 30 6.23 15.15 -43.97
N ASN D 31 5.33 15.68 -44.79
CA ASN D 31 5.68 16.54 -45.95
C ASN D 31 5.67 18.04 -45.65
N ILE D 32 5.87 18.43 -44.38
CA ILE D 32 5.87 19.84 -43.98
C ILE D 32 6.85 20.73 -44.78
N ASP D 33 7.97 20.12 -45.19
CA ASP D 33 8.94 20.76 -46.08
C ASP D 33 8.22 21.38 -47.28
N GLN D 34 7.46 20.54 -47.98
CA GLN D 34 6.68 20.96 -49.14
C GLN D 34 5.63 22.07 -48.87
N VAL D 35 5.17 22.18 -47.63
CA VAL D 35 4.24 23.25 -47.23
C VAL D 35 4.97 24.60 -47.12
N VAL D 36 6.18 24.59 -46.56
CA VAL D 36 7.01 25.79 -46.46
C VAL D 36 7.38 26.31 -47.86
N GLU D 37 7.92 25.41 -48.66
CA GLU D 37 8.22 25.62 -50.09
C GLU D 37 7.06 26.31 -50.82
N TRP D 38 5.86 25.75 -50.66
CA TRP D 38 4.63 26.27 -51.27
C TRP D 38 4.22 27.63 -50.70
N LEU D 39 4.36 27.81 -49.39
CA LEU D 39 4.02 29.07 -48.71
C LEU D 39 4.87 30.26 -49.16
N ASN D 40 6.16 30.02 -49.35
CA ASN D 40 7.09 31.07 -49.78
C ASN D 40 6.86 31.57 -51.23
N GLN D 41 6.21 30.76 -52.07
CA GLN D 41 5.77 31.20 -53.42
C GLN D 41 4.62 32.24 -53.44
N GLN D 42 3.94 32.43 -52.31
CA GLN D 42 2.58 33.00 -52.32
C GLN D 42 2.49 34.46 -51.89
N GLN D 43 1.45 35.12 -52.39
CA GLN D 43 1.08 36.47 -51.99
C GLN D 43 0.15 36.38 -50.80
N ILE D 44 0.68 36.58 -49.60
CA ILE D 44 -0.05 36.38 -48.35
C ILE D 44 -0.20 37.69 -47.62
N GLU D 45 -1.40 38.27 -47.67
CA GLU D 45 -1.72 39.48 -46.92
C GLU D 45 -1.63 39.27 -45.41
N LYS D 46 -2.09 38.10 -44.94
CA LYS D 46 -2.07 37.73 -43.52
C LYS D 46 -1.83 36.23 -43.37
N LEU D 47 -0.91 35.87 -42.47
CA LEU D 47 -0.64 34.47 -42.12
C LEU D 47 -0.92 34.27 -40.63
N CYS D 48 -1.60 33.17 -40.30
CA CYS D 48 -1.85 32.81 -38.91
C CYS D 48 -1.61 31.31 -38.73
N LEU D 49 -0.97 30.96 -37.61
CA LEU D 49 -0.52 29.59 -37.37
C LEU D 49 -0.97 29.05 -36.03
N THR D 50 -1.15 27.74 -35.98
CA THR D 50 -1.51 27.03 -34.76
C THR D 50 -1.18 25.55 -34.90
N GLY D 51 -1.23 24.82 -33.79
CA GLY D 51 -0.89 23.40 -33.75
C GLY D 51 0.55 23.16 -33.33
N GLY D 52 0.88 21.89 -33.08
CA GLY D 52 2.19 21.49 -32.58
C GLY D 52 3.38 21.83 -33.46
N ASN D 53 3.17 21.79 -34.78
CA ASN D 53 4.21 22.11 -35.77
C ASN D 53 4.16 23.56 -36.30
N ALA D 54 3.51 24.46 -35.57
CA ALA D 54 3.46 25.88 -35.94
C ALA D 54 4.85 26.51 -35.95
N GLY D 55 5.66 26.20 -34.93
CA GLY D 55 7.01 26.72 -34.80
C GLY D 55 7.96 26.32 -35.92
N VAL D 56 7.88 25.05 -36.33
CA VAL D 56 8.68 24.54 -37.46
C VAL D 56 8.44 25.42 -38.69
N ILE D 57 7.16 25.75 -38.94
CA ILE D 57 6.76 26.59 -40.08
C ILE D 57 7.21 28.03 -39.89
N ALA D 58 6.97 28.59 -38.71
CA ALA D 58 7.28 29.99 -38.44
C ALA D 58 8.76 30.35 -38.68
N GLU D 59 9.67 29.52 -38.20
CA GLU D 59 11.11 29.75 -38.37
C GLU D 59 11.70 29.39 -39.74
N ASN D 60 10.95 28.67 -40.60
CA ASN D 60 11.37 28.34 -41.98
C ASN D 60 10.72 29.21 -43.06
N ILE D 61 10.11 30.32 -42.65
CA ILE D 61 9.31 31.17 -43.52
C ILE D 61 9.88 32.59 -43.47
N ASN D 62 9.88 33.26 -44.61
CA ASN D 62 10.45 34.62 -44.74
C ASN D 62 9.38 35.73 -44.64
N ILE D 63 8.38 35.48 -43.80
CA ILE D 63 7.15 36.27 -43.73
C ILE D 63 6.69 36.20 -42.27
N PRO D 64 6.33 37.35 -41.66
CA PRO D 64 5.83 37.28 -40.28
C PRO D 64 4.49 36.54 -40.16
N ALA D 65 4.20 36.00 -38.99
CA ALA D 65 2.99 35.20 -38.77
C ALA D 65 2.64 35.11 -37.30
N GLN D 66 1.36 35.31 -36.99
CA GLN D 66 0.86 35.18 -35.62
C GLN D 66 0.66 33.72 -35.27
N ILE D 67 0.96 33.37 -34.02
CA ILE D 67 0.81 32.00 -33.53
C ILE D 67 -0.18 32.00 -32.36
N PHE D 68 -1.19 31.12 -32.44
CA PHE D 68 -2.22 31.00 -31.41
C PHE D 68 -2.25 29.61 -30.81
N VAL D 69 -2.85 29.52 -29.62
CA VAL D 69 -2.99 28.25 -28.91
C VAL D 69 -4.10 27.46 -29.60
N GLU D 70 -3.81 26.22 -30.02
CA GLU D 70 -4.74 25.44 -30.86
C GLU D 70 -6.11 25.20 -30.25
N PHE D 71 -6.18 25.16 -28.93
CA PHE D 71 -7.46 25.05 -28.22
C PHE D 71 -8.34 26.27 -28.46
N ASP D 72 -7.79 27.47 -28.24
CA ASP D 72 -8.51 28.72 -28.51
C ASP D 72 -8.91 28.89 -29.99
N ALA D 73 -8.04 28.43 -30.89
CA ALA D 73 -8.29 28.52 -32.33
C ALA D 73 -9.41 27.59 -32.75
N ALA D 74 -9.30 26.30 -32.38
CA ALA D 74 -10.35 25.29 -32.67
C ALA D 74 -11.73 25.80 -32.22
N SER D 75 -11.82 26.30 -30.99
CA SER D 75 -13.08 26.84 -30.47
C SER D 75 -13.64 27.98 -31.30
N GLN D 76 -12.76 28.86 -31.76
CA GLN D 76 -13.16 30.03 -32.54
C GLN D 76 -13.62 29.66 -33.96
N GLY D 77 -12.94 28.71 -34.58
CA GLY D 77 -13.34 28.21 -35.89
C GLY D 77 -14.58 27.34 -35.86
N LEU D 78 -14.73 26.53 -34.80
CA LEU D 78 -15.88 25.65 -34.67
C LEU D 78 -17.15 26.46 -34.53
N GLY D 79 -17.12 27.45 -33.64
CA GLY D 79 -18.23 28.40 -33.47
C GLY D 79 -18.68 29.07 -34.76
N ILE D 80 -17.72 29.37 -35.64
CA ILE D 80 -17.99 29.92 -36.97
C ILE D 80 -18.65 28.87 -37.89
N LEU D 81 -18.05 27.68 -37.96
CA LEU D 81 -18.62 26.58 -38.74
C LEU D 81 -20.04 26.20 -38.31
N LEU D 82 -20.28 26.15 -37.01
CA LEU D 82 -21.64 25.89 -36.46
C LEU D 82 -22.70 26.91 -36.92
N LYS D 83 -22.35 28.20 -36.84
CA LYS D 83 -23.23 29.30 -37.28
C LYS D 83 -23.51 29.22 -38.78
N GLU D 84 -22.47 29.03 -39.56
CA GLU D 84 -22.59 28.86 -41.01
C GLU D 84 -23.45 27.67 -41.41
N GLN D 85 -23.44 26.61 -40.60
CA GLN D 85 -24.21 25.40 -40.85
C GLN D 85 -25.49 25.30 -39.99
N GLY D 86 -25.99 26.45 -39.53
CA GLY D 86 -27.34 26.57 -38.98
C GLY D 86 -27.60 26.12 -37.56
N HIS D 87 -26.54 25.74 -36.84
CA HIS D 87 -26.67 25.37 -35.43
C HIS D 87 -26.60 26.64 -34.59
N ASP D 88 -27.49 26.73 -33.58
CA ASP D 88 -27.39 27.76 -32.54
C ASP D 88 -27.39 27.04 -31.20
N LEU D 89 -26.19 26.66 -30.76
CA LEU D 89 -26.04 25.95 -29.50
C LEU D 89 -25.55 26.93 -28.45
N ALA D 90 -26.31 27.04 -27.35
CA ALA D 90 -25.97 27.91 -26.23
C ALA D 90 -24.67 27.47 -25.54
N ASP D 91 -24.53 26.17 -25.35
CA ASP D 91 -23.30 25.57 -24.83
C ASP D 91 -23.09 24.18 -25.42
N TYR D 92 -21.88 23.63 -25.24
CA TYR D 92 -21.57 22.29 -25.71
C TYR D 92 -20.18 21.83 -25.28
N ILE D 93 -20.04 20.52 -25.20
CA ILE D 93 -18.73 19.88 -25.21
C ILE D 93 -18.32 19.79 -26.68
N PHE D 94 -17.03 20.00 -26.94
CA PHE D 94 -16.47 19.55 -28.20
C PHE D 94 -15.25 18.68 -27.98
N ALA D 95 -15.18 17.62 -28.78
CA ALA D 95 -14.20 16.58 -28.66
C ALA D 95 -13.42 16.61 -29.95
N ASN D 96 -12.17 17.04 -29.87
CA ASN D 96 -11.29 17.11 -31.02
C ASN D 96 -10.58 15.79 -31.15
N VAL D 97 -11.03 14.96 -32.08
CA VAL D 97 -10.47 13.61 -32.26
C VAL D 97 -9.40 13.63 -33.36
N GLY D 98 -8.17 13.97 -32.96
CA GLY D 98 -7.03 14.05 -33.88
C GLY D 98 -6.09 12.85 -33.84
N THR D 99 -4.79 13.13 -33.87
CA THR D 99 -3.78 12.10 -33.60
C THR D 99 -4.08 11.58 -32.18
N GLY D 100 -4.23 12.52 -31.26
CA GLY D 100 -4.78 12.27 -29.94
C GLY D 100 -6.09 12.98 -29.78
N THR D 101 -6.59 13.03 -28.56
CA THR D 101 -7.93 13.57 -28.33
C THR D 101 -7.99 14.55 -27.15
N SER D 102 -8.65 15.68 -27.38
CA SER D 102 -8.72 16.80 -26.45
C SER D 102 -10.19 17.18 -26.28
N LEU D 103 -10.65 17.27 -25.03
CA LEU D 103 -12.05 17.52 -24.75
C LEU D 103 -12.24 18.90 -24.16
N HIS D 104 -13.23 19.64 -24.67
CA HIS D 104 -13.43 21.04 -24.32
C HIS D 104 -14.86 21.31 -23.94
N TYR D 105 -15.06 22.17 -22.94
CA TYR D 105 -16.39 22.66 -22.61
C TYR D 105 -16.47 24.13 -23.03
N PHE D 106 -17.45 24.43 -23.87
CA PHE D 106 -17.68 25.77 -24.39
C PHE D 106 -18.97 26.31 -23.75
N ASP D 107 -18.81 27.31 -22.87
CA ASP D 107 -19.92 27.80 -22.04
C ASP D 107 -20.83 28.84 -22.71
N GLY D 108 -20.61 29.11 -23.99
CA GLY D 108 -21.33 30.15 -24.72
C GLY D 108 -20.44 31.34 -25.01
N GLN D 109 -19.38 31.51 -24.22
CA GLN D 109 -18.46 32.64 -24.33
C GLN D 109 -17.06 32.18 -24.71
N SER D 110 -16.46 31.32 -23.89
CA SER D 110 -15.11 30.81 -24.15
C SER D 110 -15.03 29.32 -23.88
N GLN D 111 -13.96 28.72 -24.37
CA GLN D 111 -13.70 27.29 -24.16
C GLN D 111 -12.85 27.09 -22.91
N ARG D 112 -12.83 25.83 -22.47
CA ARG D 112 -12.03 25.40 -21.34
C ARG D 112 -11.74 23.93 -21.55
N ARG D 113 -10.47 23.54 -21.52
CA ARG D 113 -10.09 22.15 -21.66
C ARG D 113 -10.49 21.42 -20.38
N VAL D 114 -11.29 20.37 -20.52
CA VAL D 114 -11.80 19.59 -19.39
C VAL D 114 -11.24 18.18 -19.38
N GLY D 115 -10.30 17.89 -20.28
CA GLY D 115 -9.60 16.62 -20.31
C GLY D 115 -9.17 16.22 -21.71
N GLY D 116 -8.57 15.05 -21.78
CA GLY D 116 -8.09 14.46 -23.03
C GLY D 116 -7.70 13.02 -22.81
N ILE D 117 -7.50 12.29 -23.91
CA ILE D 117 -7.06 10.88 -23.87
C ILE D 117 -6.29 10.60 -25.15
N GLY D 118 -5.34 9.67 -25.08
CA GLY D 118 -4.58 9.25 -26.26
C GLY D 118 -5.26 8.22 -27.16
N THR D 119 -6.57 8.02 -27.00
CA THR D 119 -7.32 7.16 -27.89
C THR D 119 -7.94 8.08 -28.95
N GLY D 120 -7.46 7.92 -30.17
CA GLY D 120 -7.95 8.71 -31.29
C GLY D 120 -7.38 8.14 -32.57
N GLY D 121 -7.14 9.00 -33.55
CA GLY D 121 -6.70 8.58 -34.88
C GLY D 121 -5.30 7.99 -34.98
N GLY D 122 -4.38 8.45 -34.10
CA GLY D 122 -3.04 7.91 -34.01
C GLY D 122 -3.06 6.47 -33.55
N MET D 123 -4.03 6.13 -32.71
CA MET D 123 -4.22 4.76 -32.24
C MET D 123 -4.88 3.89 -33.29
N ILE D 124 -5.82 4.45 -34.04
CA ILE D 124 -6.46 3.73 -35.15
C ILE D 124 -5.41 3.32 -36.17
N GLN D 125 -4.59 4.28 -36.58
CA GLN D 125 -3.48 4.00 -37.45
C GLN D 125 -2.48 3.01 -36.84
N GLY D 126 -1.94 3.37 -35.68
CA GLY D 126 -0.85 2.64 -35.06
C GLY D 126 -1.17 1.20 -34.72
N LEU D 127 -2.19 1.01 -33.90
CA LEU D 127 -2.62 -0.34 -33.51
C LEU D 127 -3.17 -1.05 -34.72
N GLY D 128 -3.83 -0.30 -35.59
CA GLY D 128 -4.36 -0.84 -36.83
C GLY D 128 -3.25 -1.51 -37.61
N TYR D 129 -2.17 -0.76 -37.87
CA TYR D 129 -0.97 -1.30 -38.49
C TYR D 129 -0.53 -2.58 -37.78
N LEU D 130 -0.28 -2.49 -36.47
CA LEU D 130 0.16 -3.65 -35.68
C LEU D 130 -0.73 -4.89 -35.77
N LEU D 131 -2.00 -4.72 -36.10
CA LEU D 131 -2.93 -5.85 -36.30
C LEU D 131 -3.16 -6.26 -37.77
N SER D 132 -2.66 -5.47 -38.71
CA SER D 132 -2.87 -5.71 -40.16
C SER D 132 -1.69 -5.39 -41.10
N GLN D 133 -0.62 -4.81 -40.56
CA GLN D 133 0.52 -4.24 -41.30
C GLN D 133 0.19 -3.30 -42.47
N ILE D 134 -1.03 -2.74 -42.46
CA ILE D 134 -1.47 -1.76 -43.45
C ILE D 134 -1.04 -0.36 -42.98
N THR D 135 -0.36 0.37 -43.86
CA THR D 135 0.13 1.73 -43.60
C THR D 135 -0.70 2.81 -44.28
N ASP D 136 -1.43 2.45 -45.35
CA ASP D 136 -2.26 3.37 -46.14
C ASP D 136 -3.57 3.64 -45.38
N TYR D 137 -3.75 4.90 -44.97
CA TYR D 137 -4.91 5.32 -44.18
C TYR D 137 -6.25 4.95 -44.83
N LYS D 138 -6.35 5.15 -46.15
CA LYS D 138 -7.57 4.84 -46.89
C LYS D 138 -7.81 3.32 -46.97
N GLN D 139 -6.77 2.53 -47.20
CA GLN D 139 -6.88 1.05 -47.22
C GLN D 139 -7.39 0.50 -45.90
N LEU D 140 -6.81 1.03 -44.81
CA LEU D 140 -7.07 0.60 -43.44
C LEU D 140 -8.50 0.88 -43.00
N THR D 141 -8.91 2.14 -43.12
CA THR D 141 -10.22 2.59 -42.69
C THR D 141 -11.30 1.91 -43.51
N ASP D 142 -11.10 1.81 -44.83
CA ASP D 142 -11.98 1.01 -45.72
C ASP D 142 -12.08 -0.46 -45.32
N MET D 143 -10.93 -1.05 -45.00
CA MET D 143 -10.86 -2.46 -44.64
C MET D 143 -11.68 -2.76 -43.40
N ALA D 144 -11.70 -1.81 -42.46
CA ALA D 144 -12.46 -1.95 -41.21
C ALA D 144 -13.99 -1.86 -41.34
N GLN D 145 -14.49 -1.16 -42.36
CA GLN D 145 -15.91 -0.71 -42.44
C GLN D 145 -16.97 -1.76 -42.37
N HIS D 146 -16.72 -2.94 -42.93
CA HIS D 146 -17.69 -4.03 -42.87
C HIS D 146 -17.22 -5.20 -42.06
N GLY D 147 -16.19 -4.97 -41.26
CA GLY D 147 -15.79 -5.88 -40.21
C GLY D 147 -16.90 -6.23 -39.23
N ASP D 148 -16.75 -7.39 -38.62
CA ASP D 148 -17.69 -7.92 -37.64
C ASP D 148 -16.91 -7.99 -36.33
N ARG D 149 -17.53 -7.55 -35.25
CA ARG D 149 -16.89 -7.53 -33.94
C ARG D 149 -17.35 -8.67 -33.01
N ASN D 150 -18.37 -9.44 -33.42
CA ASN D 150 -19.00 -10.47 -32.59
C ASN D 150 -18.04 -11.44 -31.87
N THR D 151 -17.04 -11.92 -32.60
CA THR D 151 -16.04 -12.86 -32.06
C THR D 151 -14.94 -12.19 -31.24
N ILE D 152 -14.80 -10.86 -31.35
CA ILE D 152 -13.75 -10.12 -30.67
C ILE D 152 -14.23 -9.46 -29.36
N ASP D 153 -15.37 -8.77 -29.41
CA ASP D 153 -15.90 -8.02 -28.26
C ASP D 153 -16.85 -8.87 -27.41
N LEU D 154 -16.89 -8.53 -26.12
CA LEU D 154 -17.70 -9.17 -25.12
C LEU D 154 -18.73 -8.14 -24.68
N LYS D 155 -20.00 -8.50 -24.74
CA LYS D 155 -21.12 -7.68 -24.28
C LYS D 155 -21.50 -8.06 -22.86
N VAL D 156 -22.28 -7.19 -22.23
CA VAL D 156 -22.72 -7.39 -20.84
C VAL D 156 -23.57 -8.67 -20.74
N ARG D 157 -24.38 -8.92 -21.76
CA ARG D 157 -25.23 -10.12 -21.77
C ARG D 157 -24.44 -11.43 -21.84
N HIS D 158 -23.20 -11.38 -22.33
CA HIS D 158 -22.34 -12.57 -22.35
C HIS D 158 -21.81 -12.91 -20.97
N ILE D 159 -21.47 -11.90 -20.19
CA ILE D 159 -21.02 -12.09 -18.80
C ILE D 159 -22.18 -12.52 -17.95
N TYR D 160 -23.36 -11.96 -18.20
CA TYR D 160 -24.55 -12.27 -17.39
C TYR D 160 -25.38 -13.45 -17.98
N LYS D 161 -24.72 -14.57 -18.23
CA LYS D 161 -25.40 -15.85 -18.52
C LYS D 161 -26.39 -16.13 -17.39
N ASP D 162 -27.62 -16.46 -17.75
CA ASP D 162 -28.70 -16.76 -16.79
C ASP D 162 -29.21 -15.55 -15.97
N THR D 163 -28.34 -14.91 -15.19
CA THR D 163 -28.69 -13.71 -14.42
C THR D 163 -29.21 -12.53 -15.30
N GLU D 164 -30.15 -11.74 -14.78
CA GLU D 164 -30.60 -10.50 -15.41
C GLU D 164 -29.57 -9.40 -15.05
N PRO D 165 -28.98 -8.72 -16.03
CA PRO D 165 -27.91 -7.76 -15.72
C PRO D 165 -28.37 -6.44 -15.08
N PRO D 166 -27.51 -5.76 -14.31
CA PRO D 166 -27.85 -4.46 -13.70
C PRO D 166 -27.59 -3.26 -14.61
N ILE D 167 -27.11 -3.51 -15.83
CA ILE D 167 -27.03 -2.51 -16.90
C ILE D 167 -27.46 -3.17 -18.23
N PRO D 168 -27.78 -2.36 -19.26
CA PRO D 168 -28.19 -2.94 -20.53
C PRO D 168 -27.19 -3.99 -21.04
N GLY D 169 -27.70 -5.21 -21.29
CA GLY D 169 -26.92 -6.32 -21.82
C GLY D 169 -26.22 -6.10 -23.17
N ASP D 170 -26.76 -5.20 -23.98
CA ASP D 170 -26.19 -4.90 -25.28
C ASP D 170 -24.94 -4.03 -25.18
N LEU D 171 -24.68 -3.44 -24.01
CA LEU D 171 -23.46 -2.66 -23.84
C LEU D 171 -22.22 -3.54 -24.07
N THR D 172 -21.19 -2.94 -24.67
CA THR D 172 -19.86 -3.52 -24.68
C THR D 172 -19.38 -3.57 -23.22
N ALA D 173 -19.02 -4.77 -22.77
CA ALA D 173 -18.44 -5.02 -21.44
C ALA D 173 -16.92 -4.96 -21.49
N ALA D 174 -16.32 -5.64 -22.45
CA ALA D 174 -14.88 -5.71 -22.61
C ALA D 174 -14.53 -5.76 -24.10
N ASN D 175 -13.86 -4.73 -24.57
CA ASN D 175 -13.33 -4.74 -25.93
C ASN D 175 -12.22 -5.79 -26.02
N PHE D 176 -12.22 -6.55 -27.12
CA PHE D 176 -11.35 -7.72 -27.27
C PHE D 176 -11.60 -8.85 -26.24
N GLY D 177 -12.64 -8.73 -25.41
CA GLY D 177 -12.85 -9.66 -24.30
C GLY D 177 -13.44 -11.02 -24.70
N HIS D 178 -13.79 -11.18 -25.96
CA HIS D 178 -14.29 -12.45 -26.49
C HIS D 178 -13.22 -13.28 -27.25
N VAL D 179 -12.14 -12.62 -27.66
CA VAL D 179 -11.02 -13.26 -28.37
C VAL D 179 -10.69 -14.64 -27.82
N LEU D 180 -10.45 -14.73 -26.51
CA LEU D 180 -10.11 -16.01 -25.85
C LEU D 180 -11.23 -17.06 -25.91
N HIS D 181 -12.47 -16.61 -25.98
CA HIS D 181 -13.62 -17.51 -26.15
C HIS D 181 -13.82 -18.03 -27.58
N HIS D 182 -13.06 -17.51 -28.54
CA HIS D 182 -13.10 -17.91 -29.95
C HIS D 182 -11.72 -18.16 -30.51
N LEU D 183 -10.91 -18.88 -29.77
CA LEU D 183 -9.56 -19.22 -30.17
C LEU D 183 -9.36 -19.94 -31.52
N ASP D 184 -10.35 -20.75 -31.90
CA ASP D 184 -10.31 -21.48 -33.16
C ASP D 184 -10.38 -20.61 -34.43
N ALA D 185 -11.19 -19.57 -34.38
CA ALA D 185 -11.38 -18.59 -35.46
C ALA D 185 -10.11 -17.90 -36.04
N ASP D 186 -10.18 -17.37 -37.24
CA ASP D 186 -9.01 -16.71 -37.82
C ASP D 186 -8.70 -15.35 -37.18
N PHE D 187 -9.73 -14.52 -37.04
CA PHE D 187 -9.58 -13.07 -36.73
C PHE D 187 -9.00 -12.34 -37.94
N THR D 188 -9.90 -11.97 -38.85
CA THR D 188 -9.55 -11.39 -40.14
C THR D 188 -9.23 -9.92 -39.95
N PRO D 189 -8.33 -9.34 -40.78
CA PRO D 189 -8.01 -7.91 -40.64
C PRO D 189 -9.22 -6.99 -40.46
N SER D 190 -10.31 -7.25 -41.21
CA SER D 190 -11.51 -6.40 -41.17
C SER D 190 -12.25 -6.47 -39.80
N ASN D 191 -12.41 -7.68 -39.25
CA ASN D 191 -12.94 -7.88 -37.88
C ASN D 191 -12.10 -7.17 -36.82
N LYS D 192 -10.78 -7.37 -36.88
CA LYS D 192 -9.86 -6.77 -35.93
C LYS D 192 -9.82 -5.25 -36.03
N LEU D 193 -9.77 -4.71 -37.25
CA LEU D 193 -9.74 -3.25 -37.45
C LEU D 193 -11.07 -2.61 -37.08
N ALA D 194 -12.17 -3.36 -37.20
CA ALA D 194 -13.47 -2.91 -36.72
C ALA D 194 -13.47 -2.76 -35.19
N ALA D 195 -12.84 -3.72 -34.50
CA ALA D 195 -12.72 -3.70 -33.04
C ALA D 195 -11.85 -2.55 -32.52
N VAL D 196 -10.77 -2.27 -33.24
CA VAL D 196 -9.89 -1.11 -32.96
C VAL D 196 -10.68 0.21 -33.00
N ILE D 197 -11.44 0.41 -34.07
CA ILE D 197 -12.27 1.59 -34.23
C ILE D 197 -13.40 1.57 -33.22
N GLY D 198 -13.92 0.38 -32.98
CA GLY D 198 -14.89 0.14 -31.93
C GLY D 198 -14.49 0.64 -30.55
N VAL D 199 -13.32 0.20 -30.06
CA VAL D 199 -12.81 0.63 -28.76
C VAL D 199 -12.46 2.14 -28.73
N VAL D 200 -11.73 2.63 -29.74
CA VAL D 200 -11.34 4.05 -29.76
C VAL D 200 -12.56 4.98 -29.85
N GLY D 201 -13.63 4.53 -30.53
CA GLY D 201 -14.87 5.29 -30.63
C GLY D 201 -15.60 5.30 -29.31
N GLU D 202 -15.68 4.13 -28.68
CA GLU D 202 -16.31 3.98 -27.39
C GLU D 202 -15.63 4.81 -26.30
N VAL D 203 -14.31 4.78 -26.24
CA VAL D 203 -13.56 5.53 -25.21
C VAL D 203 -13.76 7.04 -25.34
N VAL D 204 -13.83 7.53 -26.57
CA VAL D 204 -13.97 8.97 -26.85
C VAL D 204 -15.35 9.46 -26.46
N THR D 205 -16.36 8.67 -26.80
CA THR D 205 -17.75 8.94 -26.44
C THR D 205 -17.90 8.97 -24.93
N THR D 206 -17.37 7.95 -24.26
CA THR D 206 -17.47 7.82 -22.80
C THR D 206 -16.85 9.04 -22.08
N MET D 207 -15.72 9.50 -22.57
CA MET D 207 -15.11 10.70 -22.04
C MET D 207 -15.99 11.91 -22.30
N ALA D 208 -16.48 12.02 -23.53
CA ALA D 208 -17.34 13.11 -23.98
C ALA D 208 -18.68 13.26 -23.23
N ILE D 209 -19.41 12.15 -23.08
CA ILE D 209 -20.69 12.13 -22.36
C ILE D 209 -20.51 12.35 -20.85
N THR D 210 -19.37 11.94 -20.32
CA THR D 210 -19.07 12.13 -18.89
C THR D 210 -18.81 13.62 -18.57
N VAL D 211 -17.92 14.25 -19.32
CA VAL D 211 -17.71 15.71 -19.16
C VAL D 211 -18.94 16.52 -19.58
N ALA D 212 -19.77 15.99 -20.48
CA ALA D 212 -21.08 16.62 -20.79
C ALA D 212 -21.98 16.67 -19.56
N ARG D 213 -22.07 15.56 -18.83
CA ARG D 213 -22.86 15.47 -17.61
C ARG D 213 -22.31 16.40 -16.54
N GLU D 214 -20.99 16.38 -16.36
CA GLU D 214 -20.29 17.24 -15.42
C GLU D 214 -20.65 18.71 -15.62
N PHE D 215 -20.49 19.21 -16.84
CA PHE D 215 -20.72 20.63 -17.15
C PHE D 215 -22.15 20.93 -17.61
N LYS D 216 -23.05 19.96 -17.44
CA LYS D 216 -24.50 20.15 -17.56
C LYS D 216 -24.96 20.63 -18.94
N THR D 217 -24.37 20.04 -19.98
CA THR D 217 -24.82 20.25 -21.36
C THR D 217 -25.10 18.91 -22.01
N GLU D 218 -26.13 18.87 -22.84
CA GLU D 218 -26.47 17.66 -23.61
C GLU D 218 -25.84 17.67 -25.01
N ASN D 219 -25.29 18.80 -25.43
CA ASN D 219 -24.71 18.95 -26.76
C ASN D 219 -23.27 18.47 -26.80
N ILE D 220 -22.97 17.58 -27.75
CA ILE D 220 -21.59 17.13 -27.96
C ILE D 220 -21.20 17.24 -29.43
N VAL D 221 -20.32 18.19 -29.73
CA VAL D 221 -19.78 18.37 -31.07
C VAL D 221 -18.47 17.56 -31.26
N TYR D 222 -18.45 16.69 -32.28
CA TYR D 222 -17.28 15.88 -32.60
C TYR D 222 -16.55 16.45 -33.80
N ILE D 223 -15.24 16.65 -33.67
CA ILE D 223 -14.42 17.13 -34.80
C ILE D 223 -13.09 16.39 -34.86
N GLY D 224 -12.28 16.72 -35.88
CA GLY D 224 -10.97 16.11 -36.11
C GLY D 224 -10.99 15.35 -37.43
N SER D 225 -9.81 15.10 -37.99
CA SER D 225 -9.72 14.32 -39.24
C SER D 225 -9.87 12.80 -39.06
N SER D 226 -9.96 12.30 -37.82
CA SER D 226 -10.19 10.87 -37.57
C SER D 226 -11.48 10.36 -38.17
N PHE D 227 -12.43 11.27 -38.36
CA PHE D 227 -13.74 10.96 -38.94
C PHE D 227 -13.81 10.87 -40.49
N HIS D 228 -12.79 11.39 -41.19
CA HIS D 228 -12.72 11.27 -42.65
C HIS D 228 -12.54 9.83 -43.09
N ASN D 229 -13.33 9.41 -44.08
CA ASN D 229 -13.31 8.04 -44.59
C ASN D 229 -13.51 6.96 -43.52
N ASN D 230 -14.29 7.26 -42.48
CA ASN D 230 -14.56 6.29 -41.41
C ASN D 230 -15.95 6.48 -40.88
N ALA D 231 -16.92 6.05 -41.69
CA ALA D 231 -18.33 6.00 -41.31
C ALA D 231 -18.58 5.16 -40.05
N LEU D 232 -17.86 4.06 -39.88
CA LEU D 232 -18.01 3.21 -38.71
C LEU D 232 -17.69 3.99 -37.44
N LEU D 233 -16.59 4.73 -37.44
CA LEU D 233 -16.24 5.54 -36.29
C LEU D 233 -17.39 6.48 -35.92
N ARG D 234 -17.97 7.10 -36.94
CA ARG D 234 -19.11 8.00 -36.75
C ARG D 234 -20.34 7.33 -36.20
N LYS D 235 -20.67 6.16 -36.74
CA LYS D 235 -21.78 5.40 -36.27
C LYS D 235 -21.55 4.99 -34.83
N VAL D 236 -20.38 4.48 -34.50
CA VAL D 236 -20.05 4.13 -33.14
C VAL D 236 -20.24 5.32 -32.17
N VAL D 237 -19.54 6.42 -32.46
CA VAL D 237 -19.61 7.63 -31.67
C VAL D 237 -21.03 8.13 -31.58
N GLU D 238 -21.71 8.24 -32.70
CA GLU D 238 -23.06 8.71 -32.76
C GLU D 238 -24.12 7.88 -31.99
N ASP D 239 -24.18 6.57 -32.23
CA ASP D 239 -25.18 5.69 -31.62
C ASP D 239 -25.10 5.71 -30.12
N TYR D 240 -23.89 5.55 -29.59
CA TYR D 240 -23.68 5.55 -28.16
C TYR D 240 -23.90 6.94 -27.53
N THR D 241 -23.48 8.03 -28.17
CA THR D 241 -23.76 9.36 -27.61
C THR D 241 -25.26 9.49 -27.34
N VAL D 242 -26.08 9.18 -28.35
CA VAL D 242 -27.56 9.23 -28.28
C VAL D 242 -28.07 8.30 -27.17
N LEU D 243 -27.53 7.08 -27.14
CA LEU D 243 -27.88 6.06 -26.14
C LEU D 243 -27.67 6.60 -24.73
N ARG D 244 -26.67 7.46 -24.57
CA ARG D 244 -26.44 8.13 -23.29
C ARG D 244 -27.13 9.49 -23.15
N GLY D 245 -28.26 9.69 -23.85
CA GLY D 245 -29.07 10.91 -23.74
C GLY D 245 -28.42 12.24 -24.13
N CYS D 246 -27.38 12.20 -24.97
CA CYS D 246 -26.77 13.43 -25.49
C CYS D 246 -26.99 13.55 -27.00
N LYS D 247 -26.69 14.73 -27.54
CA LYS D 247 -26.99 15.05 -28.93
C LYS D 247 -25.69 15.24 -29.69
N PRO D 248 -25.34 14.29 -30.57
CA PRO D 248 -24.10 14.34 -31.33
C PRO D 248 -24.19 15.22 -32.58
N TYR D 249 -23.12 15.96 -32.85
CA TYR D 249 -23.03 16.81 -34.03
C TYR D 249 -21.69 16.59 -34.73
N TYR D 250 -21.75 16.38 -36.05
CA TYR D 250 -20.59 16.43 -36.93
C TYR D 250 -20.74 17.67 -37.77
N VAL D 251 -19.62 18.27 -38.13
CA VAL D 251 -19.59 19.55 -38.80
C VAL D 251 -18.82 19.42 -40.11
N GLU D 252 -19.36 19.97 -41.18
CA GLU D 252 -18.65 20.02 -42.45
C GLU D 252 -17.35 20.82 -42.29
N ASN D 253 -16.24 20.22 -42.73
CA ASN D 253 -14.89 20.76 -42.51
C ASN D 253 -14.60 21.05 -41.05
N GLY D 254 -15.16 20.25 -40.14
CA GLY D 254 -14.89 20.40 -38.71
C GLY D 254 -13.44 20.09 -38.37
N ALA D 255 -12.77 19.31 -39.22
CA ALA D 255 -11.33 19.10 -39.10
C ALA D 255 -10.46 20.33 -39.38
N PHE D 256 -11.04 21.36 -40.00
CA PHE D 256 -10.37 22.62 -40.29
C PHE D 256 -10.66 23.72 -39.27
N SER D 257 -11.39 23.41 -38.20
CA SER D 257 -11.77 24.40 -37.17
C SER D 257 -10.59 25.23 -36.69
N GLY D 258 -9.47 24.56 -36.39
CA GLY D 258 -8.26 25.23 -35.94
C GLY D 258 -7.72 26.26 -36.92
N ALA D 259 -7.56 25.84 -38.18
CA ALA D 259 -7.03 26.70 -39.24
C ALA D 259 -7.93 27.90 -39.55
N ILE D 260 -9.25 27.68 -39.51
CA ILE D 260 -10.22 28.79 -39.65
C ILE D 260 -10.07 29.76 -38.49
N GLY D 261 -10.05 29.23 -37.26
CA GLY D 261 -9.99 30.04 -36.05
C GLY D 261 -8.72 30.87 -35.89
N ALA D 262 -7.61 30.31 -36.35
CA ALA D 262 -6.34 31.05 -36.44
C ALA D 262 -6.53 32.36 -37.22
N LEU D 263 -7.20 32.28 -38.37
CA LEU D 263 -7.48 33.47 -39.19
C LEU D 263 -8.32 34.53 -38.47
N TYR D 264 -9.40 34.10 -37.80
CA TYR D 264 -10.32 35.04 -37.15
C TYR D 264 -9.69 35.77 -35.95
N LEU D 265 -8.86 35.08 -35.16
CA LEU D 265 -8.26 35.68 -33.96
C LEU D 265 -7.20 36.74 -34.30
PB ADP E . 2.41 -17.88 13.54
O1B ADP E . 3.14 -18.12 14.84
O2B ADP E . 3.25 -18.10 12.30
O3B ADP E . 1.07 -18.55 13.48
PA ADP E . 1.13 -15.51 12.54
O1A ADP E . 1.85 -14.40 11.80
O2A ADP E . 0.36 -16.51 11.74
O3A ADP E . 2.11 -16.28 13.57
O5' ADP E . 0.04 -14.74 13.42
C5' ADP E . -0.23 -14.88 14.80
C4' ADP E . -0.95 -13.64 15.29
O4' ADP E . -1.89 -13.08 14.36
C3' ADP E . -1.75 -13.91 16.55
O3' ADP E . -0.86 -14.00 17.66
C2' ADP E . -2.71 -12.71 16.56
O2' ADP E . -2.13 -11.53 17.13
C1' ADP E . -2.98 -12.46 15.08
N9 ADP E . -4.24 -13.02 14.52
C8 ADP E . -4.74 -12.64 13.33
N7 ADP E . -5.87 -13.32 13.04
C5 ADP E . -6.09 -14.18 14.04
C6 ADP E . -7.11 -15.21 14.34
N6 ADP E . -8.15 -15.44 13.50
N1 ADP E . -6.99 -15.89 15.50
C2 ADP E . -5.96 -15.67 16.35
N3 ADP E . -5.02 -14.76 16.11
C4 ADP E . -5.02 -13.99 15.01
O01 N7E F . 6.24 -16.44 15.59
P02 N7E F . 6.22 -17.61 14.63
O03 N7E F . 6.05 -17.36 13.19
O04 N7E F . 5.75 -18.93 15.11
O05 N7E F . 7.83 -17.93 14.57
C06 N7E F . 8.51 -18.53 15.70
C07 N7E F . 9.80 -17.76 16.11
C08 N7E F . 10.83 -17.83 14.97
C09 N7E F . 10.34 -18.42 17.39
C10 N7E F . 9.43 -16.27 16.39
O11 N7E F . 8.33 -16.22 17.27
C12 N7E F . 10.61 -15.49 17.00
O13 N7E F . 11.65 -15.27 16.37
N14 N7E F . 10.41 -15.18 18.29
C15 N7E F . 11.35 -14.41 19.10
C16 N7E F . 12.52 -15.27 19.54
C17 N7E F . 13.62 -14.30 19.98
O18 N7E F . 14.37 -13.82 19.13
N19 N7E F . 13.67 -13.98 21.28
C20 N7E F . 14.76 -13.15 21.76
C21 N7E F . 14.29 -12.32 22.91
C22 N7E F . 15.18 -12.67 24.12
C23 N7E F . 14.68 -13.97 24.70
C24 N7E F . 15.38 -14.20 26.02
O25 N7E F . 15.01 -15.58 26.38
C26 N7E F . 15.32 -15.95 27.73
MG MG G . 4.91 -17.68 11.37
PB ADP H . -14.34 -10.58 -13.26
O1B ADP H . -13.98 -12.04 -13.16
O2B ADP H . -15.12 -10.09 -12.06
O3B ADP H . -14.93 -10.26 -14.62
PA ADP H . -11.78 -9.75 -12.26
O1A ADP H . -11.73 -8.53 -11.36
O2A ADP H . -11.80 -11.13 -11.64
O3A ADP H . -13.02 -9.64 -13.29
O5' ADP H . -10.52 -9.50 -13.24
C5' ADP H . -10.27 -10.32 -14.37
C4' ADP H . -8.94 -9.91 -15.00
O4' ADP H . -7.84 -10.13 -14.11
C3' ADP H . -8.61 -10.72 -16.25
O3' ADP H . -9.30 -10.26 -17.42
C2' ADP H . -7.08 -10.64 -16.32
O2' ADP H . -6.62 -9.45 -16.94
C1' ADP H . -6.68 -10.59 -14.85
N9 ADP H . -6.31 -11.88 -14.23
C8 ADP H . -5.75 -11.97 -13.02
N7 ADP H . -5.54 -13.25 -12.65
C5 ADP H . -6.01 -14.03 -13.64
C6 ADP H . -6.10 -15.49 -13.86
N6 ADP H . -5.63 -16.36 -12.94
N1 ADP H . -6.64 -15.91 -15.02
C2 ADP H . -7.09 -15.04 -15.94
N3 ADP H . -7.04 -13.70 -15.78
C4 ADP H . -6.52 -13.14 -14.67
O01 N7E I . -16.21 -6.95 -15.37
P02 N7E I . -16.93 -7.80 -14.40
O03 N7E I . -16.62 -7.65 -12.97
O04 N7E I . -17.48 -9.11 -14.82
O05 N7E I . -18.35 -6.99 -14.41
C06 N7E I . -19.22 -6.93 -15.57
C07 N7E I . -19.54 -5.47 -16.02
C08 N7E I . -20.37 -4.79 -14.91
C09 N7E I . -20.33 -5.54 -17.34
C10 N7E I . -18.23 -4.72 -16.25
O11 N7E I . -17.52 -5.53 -17.18
C12 N7E I . -18.46 -3.29 -16.83
O13 N7E I . -19.12 -2.45 -16.22
N14 N7E I . -17.97 -3.08 -18.06
C15 N7E I . -18.12 -1.80 -18.81
C16 N7E I . -19.53 -1.66 -19.45
C17 N7E I . -19.63 -0.22 -19.98
O18 N7E I . -19.85 0.71 -19.20
N19 N7E I . -19.41 -0.04 -21.31
C20 N7E I . -19.44 1.28 -21.90
C21 N7E I . -19.13 1.24 -23.40
C22 N7E I . -20.33 0.66 -24.15
C23 N7E I . -20.43 1.48 -25.42
C24 N7E I . -21.18 0.85 -26.58
O25 N7E I . -21.78 -0.39 -26.21
C26 N7E I . -22.52 -0.98 -27.29
MG MG J . -15.78 -8.38 -10.91
PB ADP K . 14.43 9.03 35.73
O1B ADP K . 15.81 9.53 35.31
O2B ADP K . 13.34 9.11 34.67
O3B ADP K . 13.93 9.53 37.05
PA ADP K . 15.66 6.67 36.90
O1A ADP K . 16.99 6.43 36.20
O2A ADP K . 15.69 7.37 38.23
O3A ADP K . 14.63 7.42 35.90
O5' ADP K . 14.83 5.30 37.07
C5' ADP K . 13.53 5.43 37.64
C4' ADP K . 12.80 4.09 37.64
O4' ADP K . 13.41 3.28 38.63
C3' ADP K . 11.36 4.18 38.06
O3' ADP K . 10.45 4.33 36.95
C2' ADP K . 11.16 2.84 38.72
O2' ADP K . 11.04 1.83 37.73
C1' ADP K . 12.46 2.56 39.42
N9 ADP K . 12.54 2.93 40.87
C8 ADP K . 13.61 2.62 41.65
N7 ADP K . 13.43 3.05 42.93
C5 ADP K . 12.25 3.64 43.00
C6 ADP K . 11.46 4.31 44.07
N6 ADP K . 11.96 4.41 45.31
N1 ADP K . 10.23 4.79 43.77
C2 ADP K . 9.74 4.67 42.52
N3 ADP K . 10.43 4.09 41.50
C4 ADP K . 11.66 3.57 41.65
O01 N7E L . 14.15 8.38 31.42
P02 N7E L . 14.80 9.65 31.88
O03 N7E L . 16.14 9.60 32.49
O04 N7E L . 13.89 10.75 32.27
O05 N7E L . 15.33 10.08 30.40
C06 N7E L . 14.40 10.65 29.49
C07 N7E L . 14.52 10.05 28.10
C08 N7E L . 15.87 10.42 27.50
C09 N7E L . 13.37 10.69 27.29
C10 N7E L . 14.36 8.48 28.17
O11 N7E L . 13.26 8.07 29.00
C12 N7E L . 14.19 7.87 26.76
O13 N7E L . 15.13 7.84 25.97
N14 N7E L . 12.95 7.45 26.45
C15 N7E L . 12.61 6.81 25.15
C16 N7E L . 12.64 7.82 23.98
C17 N7E L . 12.69 7.07 22.64
O18 N7E L . 13.75 6.90 22.02
N19 N7E L . 11.53 6.62 22.21
C20 N7E L . 11.41 5.93 20.94
C21 N7E L . 10.03 5.32 20.89
C22 N7E L . 9.17 6.22 19.98
C23 N7E L . 7.88 5.44 19.92
C24 N7E L . 6.67 6.13 19.29
O25 N7E L . 6.84 7.57 19.16
C26 N7E L . 5.56 8.28 19.14
MG MG M . 17.55 9.77 33.79
PB ADP N . -3.68 16.41 -35.89
O1B ADP N . -2.89 15.73 -34.80
O2B ADP N . -3.99 17.87 -35.57
O3B ADP N . -3.07 16.13 -37.24
PA ADP N . -6.26 15.54 -37.10
O1A ADP N . -5.78 15.94 -38.47
O2A ADP N . -7.57 16.08 -36.57
O3A ADP N . -5.15 15.68 -35.91
O5' ADP N . -6.45 13.94 -37.20
C5' ADP N . -5.34 13.13 -37.59
C4' ADP N . -5.90 11.73 -37.78
O4' ADP N . -6.72 11.80 -38.93
C3' ADP N . -4.90 10.63 -38.08
O3' ADP N . -4.30 10.10 -36.90
C2' ADP N . -5.75 9.63 -38.83
O2' ADP N . -6.43 8.72 -37.97
C1' ADP N . -6.78 10.51 -39.53
N9 ADP N . -6.62 10.68 -41.00
C8 ADP N . -7.62 11.07 -41.79
N7 ADP N . -7.24 11.13 -43.08
C5 ADP N . -5.95 10.79 -43.15
C6 ADP N . -4.95 10.65 -44.23
N6 ADP N . -5.28 10.90 -45.51
N1 ADP N . -3.69 10.25 -43.90
C2 ADP N . -3.37 9.99 -42.60
N3 ADP N . -4.24 10.11 -41.57
C4 ADP N . -5.53 10.48 -41.77
O01 N7E O . -3.67 15.66 -31.98
P02 N7E O . -3.47 17.10 -32.26
O03 N7E O . -4.60 17.92 -32.72
O04 N7E O . -2.11 17.53 -32.62
O05 N7E O . -3.58 17.70 -30.74
C06 N7E O . -2.46 17.57 -29.84
C07 N7E O . -2.89 17.30 -28.39
C08 N7E O . -3.50 18.59 -27.80
C09 N7E O . -1.60 16.88 -27.62
C10 N7E O . -3.94 16.15 -28.34
O11 N7E O . -3.47 15.04 -29.11
C12 N7E O . -4.30 15.70 -26.92
O13 N7E O . -4.86 16.48 -26.15
N14 N7E O . -3.99 14.44 -26.60
C15 N7E O . -4.30 13.83 -25.29
C16 N7E O . -3.34 14.30 -24.20
C17 N7E O . -3.89 13.91 -22.81
O18 N7E O . -4.72 14.59 -22.24
N19 N7E O . -3.41 12.78 -22.28
C20 N7E O . -3.83 12.37 -20.94
C21 N7E O . -3.94 10.86 -20.89
C22 N7E O . -2.58 10.17 -20.94
C23 N7E O . -1.59 10.77 -19.96
C24 N7E O . -0.58 9.67 -19.62
O25 N7E O . 0.62 10.37 -19.15
C26 N7E O . 1.86 9.63 -19.21
MG MG P . -5.31 18.91 -34.54
#